data_9EHS
#
_entry.id   9EHS
#
_cell.length_a   1.00
_cell.length_b   1.00
_cell.length_c   1.00
_cell.angle_alpha   90.00
_cell.angle_beta   90.00
_cell.angle_gamma   90.00
#
_symmetry.space_group_name_H-M   'P 1'
#
loop_
_entity.id
_entity.type
_entity.pdbx_description
1 polymer 'BAG2 Anti-BRIL Fab Heavy Chain'
2 polymer 'elbow nanobody'
3 polymer 'BAG2 Anti-BRIL Fab Light Chain'
4 polymer 'Adenosine receptor A3,adenosine A3 receptor fused to BRIL'
5 non-polymer LUF7602
#
loop_
_entity_poly.entity_id
_entity_poly.type
_entity_poly.pdbx_seq_one_letter_code
_entity_poly.pdbx_strand_id
1 'polypeptide(L)'
;EISEVQLVESGGGLVQPGGSLRLSCAASGFNVVDFSLHWVRQAPGKGLEWVAYISSSSGSTSYADSVKGRFTISADTSKN
TAYLQMNSLRAEDTAVYYCARWGYWPGEPWWKAFDYWGQGTLVTVSSASTKGPSVFPLAPSSKSTSGGTAALGCLVKDYF
PEPVTVSWNSGALTSGVHTFPAVLQSSGLYSLSSVVTVPSSSLGTQTYICNVNHKPSNTKVDKKVEPKSCD
;
H
2 'polypeptide(L)'
;HHHHHHGENLYFQGSQVQLQESGGGLVQPGGSLRLSCAASGRTISRYAMSWFRQAPGKEREFVAVARRSGDGAFYADSVQ
GRFTVSRDDAKNTVYLQMNSLKPEDTAVYYCAIDSDTFYSGSYDYWGQGTQVTVSS
;
K
3 'polypeptide(L)'
;DIQMTQSPSSLSASVGDRVTITCRASQSVSSAVAWYQQKPGKAPKLLIYSASSLYSGVPSRFSGSRSGTDFTLTISSLQP
EDFATYYCQQYLYYSLVTFGQGTKVEIKRTVAAPSVFIFPPSDSQLKSGTASVVCLLNNFYPREAKVQWKVDNALQSGNS
QESVTEQDSKDSTYSLSSTLTLSKADYEKHKVYACEVTHQGLSSPVTKSFNRGEC
;
L
4 'polypeptide(L)'
;DYKDDDDAMGANFTPVNGSSGNQSVRLVTSSSLEVLFQGPSTALSLANVTYITMEIFIGLCAIVGNVLVICVVKLNPSLQ
TTTFYFIVSLALADIAVGVLVMPLAIVVSLGITIHFYSCLFMTCLLLIFTHARIMSLLAIAVDRYLRVKLTVRYKRVTTH
RRIWLALGLCWLVSFLVGLTPMFGWNMKLTSEYHRAVTFLSCQFVSVMRMDYMVYFSFLTWIFIPLVVMCAIYLDIFYII
RNKLADLEDNWETLNDNLKVIEKADNAAQVKDALTKMRAAALDAQKATPPKLEDKSPDSPEMKDFRHGFDILVGQIDDAL
KLANEGKVKEAQAAAEQLKTTRNAYIQKYLERARSTLQREFKTAKSLFLVLFLFALSWLPLSIINCIIYFNGEVPQLVLY
MGILLSHANSMMNPIVYAYKIKKFKETYLLILKACVVCHPLEVLFQGPSDSLDTSIEKNSEHHHHHHHH
;
R
#
loop_
_chem_comp.id
_chem_comp.type
_chem_comp.name
_chem_comp.formula
A1BII non-polymer LUF7602 'C23 H24 F N5 O6 S'
#
# COMPACT_ATOMS: atom_id res chain seq x y z
N GLU A 4 -12.72 -15.87 28.96
CA GLU A 4 -12.12 -15.56 27.66
C GLU A 4 -13.10 -15.86 26.53
N VAL A 5 -13.13 -14.98 25.53
CA VAL A 5 -14.05 -15.11 24.40
C VAL A 5 -13.40 -16.03 23.36
N GLN A 6 -14.10 -17.10 23.01
CA GLN A 6 -13.55 -18.08 22.09
C GLN A 6 -14.68 -18.79 21.35
N LEU A 7 -14.34 -19.37 20.20
CA LEU A 7 -15.25 -20.18 19.40
C LEU A 7 -14.61 -21.52 19.14
N VAL A 8 -15.36 -22.60 19.34
CA VAL A 8 -14.87 -23.96 19.17
C VAL A 8 -15.77 -24.66 18.17
N GLU A 9 -15.16 -25.15 17.09
CA GLU A 9 -15.90 -25.90 16.08
C GLU A 9 -15.79 -27.40 16.36
N SER A 10 -16.82 -28.14 15.95
CA SER A 10 -16.83 -29.58 16.08
C SER A 10 -17.65 -30.16 14.93
N GLY A 11 -17.74 -31.48 14.89
CA GLY A 11 -18.58 -32.16 13.93
C GLY A 11 -18.03 -32.25 12.53
N GLY A 12 -16.79 -31.84 12.31
CA GLY A 12 -16.16 -31.92 11.00
C GLY A 12 -15.32 -33.17 10.89
N GLY A 13 -15.57 -33.94 9.83
CA GLY A 13 -14.87 -35.20 9.65
C GLY A 13 -14.86 -35.68 8.21
N LEU A 14 -15.05 -36.98 8.03
CA LEU A 14 -14.92 -37.64 6.75
C LEU A 14 -16.30 -38.05 6.28
N VAL A 15 -16.71 -37.56 5.10
CA VAL A 15 -18.03 -37.83 4.56
C VAL A 15 -17.92 -38.19 3.08
N GLN A 16 -18.92 -38.93 2.61
CA GLN A 16 -19.03 -39.31 1.22
C GLN A 16 -19.61 -38.16 0.40
N PRO A 17 -19.35 -38.13 -0.91
CA PRO A 17 -20.05 -37.16 -1.77
C PRO A 17 -21.54 -37.46 -1.85
N GLY A 18 -22.34 -36.40 -1.76
CA GLY A 18 -23.77 -36.54 -1.61
C GLY A 18 -24.23 -36.77 -0.20
N GLY A 19 -23.32 -36.88 0.76
CA GLY A 19 -23.65 -37.14 2.14
C GLY A 19 -24.03 -35.87 2.88
N SER A 20 -24.07 -35.99 4.20
CA SER A 20 -24.50 -34.90 5.06
C SER A 20 -23.55 -34.76 6.25
N LEU A 21 -23.48 -33.54 6.77
CA LEU A 21 -22.64 -33.24 7.92
C LEU A 21 -23.24 -32.06 8.68
N ARG A 22 -23.00 -32.03 9.98
CA ARG A 22 -23.43 -30.93 10.84
C ARG A 22 -22.24 -30.45 11.66
N LEU A 23 -21.97 -29.15 11.61
CA LEU A 23 -20.88 -28.55 12.36
C LEU A 23 -21.44 -27.70 13.49
N SER A 24 -20.84 -27.81 14.66
CA SER A 24 -21.30 -27.10 15.85
C SER A 24 -20.25 -26.09 16.29
N CYS A 25 -20.61 -24.81 16.26
CA CYS A 25 -19.73 -23.72 16.66
C CYS A 25 -20.16 -23.25 18.05
N ALA A 26 -19.47 -23.75 19.07
CA ALA A 26 -19.83 -23.48 20.46
C ALA A 26 -19.17 -22.18 20.92
N ALA A 27 -19.98 -21.14 21.12
CA ALA A 27 -19.50 -19.89 21.68
C ALA A 27 -19.42 -19.99 23.20
N SER A 28 -18.37 -19.42 23.77
CA SER A 28 -18.13 -19.53 25.20
C SER A 28 -18.17 -18.19 25.92
N GLY A 29 -17.39 -17.21 25.48
CA GLY A 29 -17.27 -15.97 26.19
C GLY A 29 -18.28 -14.90 25.86
N PHE A 30 -19.25 -15.18 24.98
CA PHE A 30 -20.25 -14.19 24.60
C PHE A 30 -21.57 -14.91 24.34
N ASN A 31 -22.58 -14.13 23.95
CA ASN A 31 -23.91 -14.64 23.66
C ASN A 31 -24.19 -14.46 22.16
N VAL A 32 -24.78 -15.49 21.56
CA VAL A 32 -25.00 -15.51 20.12
C VAL A 32 -26.09 -14.56 19.65
N VAL A 33 -26.92 -14.05 20.57
CA VAL A 33 -27.92 -13.06 20.20
C VAL A 33 -27.36 -11.65 20.13
N ASP A 34 -26.14 -11.45 20.62
CA ASP A 34 -25.49 -10.14 20.56
C ASP A 34 -24.54 -10.00 19.38
N PHE A 35 -24.09 -11.12 18.80
CA PHE A 35 -23.12 -11.10 17.71
C PHE A 35 -23.60 -12.04 16.61
N SER A 36 -23.52 -11.58 15.36
CA SER A 36 -23.83 -12.43 14.22
C SER A 36 -22.68 -13.41 13.98
N LEU A 37 -23.02 -14.66 13.71
CA LEU A 37 -22.04 -15.71 13.51
C LEU A 37 -21.99 -16.12 12.04
N HIS A 38 -20.78 -16.28 11.53
CA HIS A 38 -20.54 -16.55 10.11
C HIS A 38 -19.69 -17.80 9.97
N TRP A 39 -19.78 -18.41 8.80
CA TRP A 39 -18.92 -19.54 8.44
C TRP A 39 -18.08 -19.15 7.23
N VAL A 40 -16.77 -19.30 7.36
CA VAL A 40 -15.82 -19.04 6.29
C VAL A 40 -14.99 -20.30 6.10
N ARG A 41 -14.94 -20.80 4.86
CA ARG A 41 -14.17 -22.00 4.57
C ARG A 41 -12.91 -21.66 3.78
N GLN A 42 -11.90 -22.49 3.95
CA GLN A 42 -10.63 -22.36 3.24
C GLN A 42 -10.29 -23.70 2.61
N ALA A 43 -10.36 -23.78 1.29
CA ALA A 43 -9.94 -24.97 0.57
C ALA A 43 -8.43 -25.16 0.73
N PRO A 44 -7.95 -26.42 0.74
CA PRO A 44 -6.51 -26.66 0.88
C PRO A 44 -5.73 -26.14 -0.32
N GLY A 45 -4.83 -25.19 -0.06
CA GLY A 45 -4.09 -24.52 -1.10
C GLY A 45 -4.75 -23.29 -1.68
N LYS A 46 -5.96 -22.96 -1.23
CA LYS A 46 -6.72 -21.82 -1.74
C LYS A 46 -6.97 -20.83 -0.60
N GLY A 47 -7.65 -19.74 -0.94
CA GLY A 47 -7.92 -18.68 0.02
C GLY A 47 -9.20 -18.91 0.80
N LEU A 48 -9.62 -17.85 1.51
CA LEU A 48 -10.82 -17.91 2.33
C LEU A 48 -12.05 -17.60 1.48
N GLU A 49 -13.14 -18.30 1.78
CA GLU A 49 -14.42 -18.09 1.10
C GLU A 49 -15.53 -18.03 2.11
N TRP A 50 -16.32 -16.96 2.07
CA TRP A 50 -17.48 -16.84 2.94
C TRP A 50 -18.58 -17.79 2.51
N VAL A 51 -19.18 -18.47 3.49
CA VAL A 51 -20.16 -19.53 3.24
C VAL A 51 -21.56 -19.12 3.68
N ALA A 52 -21.74 -18.85 4.97
CA ALA A 52 -23.07 -18.66 5.53
C ALA A 52 -23.05 -17.58 6.61
N TYR A 53 -24.22 -17.35 7.21
CA TYR A 53 -24.46 -16.22 8.09
C TYR A 53 -25.72 -16.52 8.89
N ILE A 54 -25.64 -16.40 10.22
CA ILE A 54 -26.80 -16.48 11.09
C ILE A 54 -26.83 -15.25 11.98
N SER A 55 -28.02 -14.66 12.11
CA SER A 55 -28.28 -13.57 13.05
C SER A 55 -29.40 -14.07 13.97
N SER A 56 -29.01 -14.66 15.10
CA SER A 56 -29.97 -15.32 15.99
C SER A 56 -30.88 -14.34 16.72
N SER A 57 -30.53 -13.06 16.77
CA SER A 57 -31.42 -12.06 17.33
C SER A 57 -32.64 -11.84 16.44
N SER A 58 -32.44 -11.87 15.12
CA SER A 58 -33.52 -11.62 14.17
C SER A 58 -33.88 -12.82 13.29
N GLY A 59 -33.15 -13.92 13.38
CA GLY A 59 -33.43 -15.07 12.56
C GLY A 59 -33.00 -14.97 11.12
N SER A 60 -32.20 -13.95 10.77
CA SER A 60 -31.84 -13.71 9.38
C SER A 60 -30.70 -14.62 8.97
N THR A 61 -30.91 -15.39 7.91
CA THR A 61 -29.90 -16.29 7.36
C THR A 61 -29.56 -15.85 5.94
N SER A 62 -28.31 -16.09 5.54
CA SER A 62 -27.92 -15.89 4.15
C SER A 62 -26.78 -16.85 3.84
N TYR A 63 -26.70 -17.26 2.58
CA TYR A 63 -25.72 -18.23 2.12
C TYR A 63 -25.07 -17.74 0.83
N ALA A 64 -23.86 -18.24 0.60
CA ALA A 64 -23.18 -18.01 -0.67
C ALA A 64 -23.88 -18.78 -1.78
N ASP A 65 -23.68 -18.33 -3.02
CA ASP A 65 -24.37 -18.93 -4.16
C ASP A 65 -23.84 -20.33 -4.48
N SER A 66 -22.63 -20.67 -4.03
CA SER A 66 -22.15 -22.04 -4.16
C SER A 66 -22.82 -22.97 -3.16
N VAL A 67 -23.25 -22.44 -2.02
CA VAL A 67 -23.83 -23.25 -0.95
C VAL A 67 -25.32 -22.95 -0.76
N LYS A 68 -25.93 -22.19 -1.67
CA LYS A 68 -27.34 -21.83 -1.52
C LYS A 68 -28.23 -23.03 -1.90
N GLY A 69 -29.20 -23.32 -1.04
CA GLY A 69 -30.13 -24.41 -1.26
C GLY A 69 -29.64 -25.75 -0.77
N ARG A 70 -28.35 -25.88 -0.44
CA ARG A 70 -27.75 -27.11 0.01
C ARG A 70 -27.16 -27.03 1.41
N PHE A 71 -26.85 -25.82 1.89
CA PHE A 71 -26.36 -25.62 3.25
C PHE A 71 -27.43 -24.88 4.02
N THR A 72 -27.75 -25.36 5.22
CA THR A 72 -28.71 -24.71 6.09
C THR A 72 -28.04 -24.37 7.42
N ILE A 73 -28.21 -23.12 7.85
CA ILE A 73 -27.60 -22.63 9.07
C ILE A 73 -28.68 -22.41 10.12
N SER A 74 -28.29 -22.52 11.38
CA SER A 74 -29.20 -22.33 12.50
C SER A 74 -28.36 -21.96 13.72
N ALA A 75 -29.06 -21.61 14.80
CA ALA A 75 -28.39 -21.25 16.04
C ALA A 75 -29.31 -21.59 17.21
N ASP A 76 -28.68 -22.00 18.31
CA ASP A 76 -29.39 -22.29 19.56
C ASP A 76 -28.94 -21.26 20.59
N THR A 77 -29.89 -20.47 21.09
CA THR A 77 -29.57 -19.45 22.07
C THR A 77 -29.23 -20.06 23.43
N SER A 78 -29.95 -21.13 23.81
CA SER A 78 -29.72 -21.76 25.10
C SER A 78 -28.38 -22.48 25.16
N LYS A 79 -28.02 -23.20 24.10
CA LYS A 79 -26.75 -23.90 24.04
C LYS A 79 -25.60 -23.02 23.59
N ASN A 80 -25.88 -21.78 23.20
CA ASN A 80 -24.89 -20.78 22.74
C ASN A 80 -24.09 -21.31 21.54
N THR A 81 -24.77 -22.01 20.63
CA THR A 81 -24.11 -22.75 19.56
C THR A 81 -24.82 -22.47 18.25
N ALA A 82 -24.03 -22.22 17.20
CA ALA A 82 -24.54 -22.12 15.83
C ALA A 82 -24.24 -23.39 15.07
N TYR A 83 -25.22 -23.85 14.30
CA TYR A 83 -25.11 -25.10 13.57
C TYR A 83 -25.09 -24.82 12.07
N LEU A 84 -24.16 -25.45 11.36
CA LEU A 84 -24.11 -25.43 9.90
C LEU A 84 -24.40 -26.85 9.42
N GLN A 85 -25.62 -27.08 8.94
CA GLN A 85 -26.01 -28.37 8.42
C GLN A 85 -25.72 -28.44 6.93
N MET A 86 -24.97 -29.46 6.53
CA MET A 86 -24.54 -29.64 5.15
C MET A 86 -25.36 -30.74 4.50
N ASN A 87 -25.87 -30.48 3.30
CA ASN A 87 -26.63 -31.45 2.54
C ASN A 87 -26.10 -31.49 1.11
N SER A 88 -26.02 -32.70 0.56
CA SER A 88 -25.54 -33.00 -0.79
C SER A 88 -24.13 -32.44 -1.02
N LEU A 89 -23.20 -32.92 -0.19
CA LEU A 89 -21.82 -32.49 -0.27
C LEU A 89 -21.15 -33.01 -1.54
N ARG A 90 -20.32 -32.16 -2.15
CA ARG A 90 -19.54 -32.58 -3.31
C ARG A 90 -18.06 -32.33 -3.04
N ALA A 91 -17.23 -32.57 -4.06
CA ALA A 91 -15.78 -32.65 -3.88
C ALA A 91 -15.14 -31.31 -3.55
N GLU A 92 -15.67 -30.22 -4.11
CA GLU A 92 -15.10 -28.89 -3.88
C GLU A 92 -15.52 -28.28 -2.56
N ASP A 93 -16.36 -28.95 -1.78
CA ASP A 93 -16.68 -28.52 -0.42
C ASP A 93 -15.65 -28.99 0.60
N THR A 94 -14.63 -29.73 0.18
CA THR A 94 -13.55 -30.13 1.07
C THR A 94 -12.72 -28.91 1.43
N ALA A 95 -12.81 -28.49 2.69
CA ALA A 95 -12.18 -27.27 3.14
C ALA A 95 -12.04 -27.31 4.66
N VAL A 96 -11.36 -26.31 5.20
CA VAL A 96 -11.33 -26.08 6.65
C VAL A 96 -12.31 -24.96 6.95
N TYR A 97 -13.35 -25.29 7.72
CA TYR A 97 -14.47 -24.39 7.95
C TYR A 97 -14.24 -23.63 9.26
N TYR A 98 -14.14 -22.31 9.16
CA TYR A 98 -13.91 -21.44 10.31
C TYR A 98 -15.20 -20.77 10.72
N CYS A 99 -15.43 -20.67 12.03
CA CYS A 99 -16.56 -19.95 12.58
C CYS A 99 -16.06 -18.63 13.13
N ALA A 100 -16.65 -17.53 12.68
CA ALA A 100 -16.24 -16.19 13.08
C ALA A 100 -17.46 -15.38 13.48
N ARG A 101 -17.27 -14.48 14.45
CA ARG A 101 -18.34 -13.65 14.97
C ARG A 101 -18.17 -12.21 14.52
N TRP A 102 -19.30 -11.51 14.41
CA TRP A 102 -19.32 -10.16 13.89
C TRP A 102 -20.46 -9.42 14.57
N GLY A 103 -20.18 -8.21 15.05
CA GLY A 103 -21.14 -7.44 15.82
C GLY A 103 -22.26 -6.87 14.99
N TYR A 104 -23.19 -6.24 15.69
CA TYR A 104 -24.40 -5.68 15.11
C TYR A 104 -24.26 -4.18 14.90
N TRP A 105 -24.94 -3.68 13.87
CA TRP A 105 -25.08 -2.25 13.67
C TRP A 105 -25.93 -1.65 14.78
N PRO A 106 -25.57 -0.47 15.32
CA PRO A 106 -24.42 0.38 14.97
C PRO A 106 -23.25 0.30 15.94
N GLY A 107 -22.17 0.98 15.58
CA GLY A 107 -21.03 1.16 16.45
C GLY A 107 -19.81 0.40 15.99
N GLU A 108 -18.80 0.40 16.85
CA GLU A 108 -17.54 -0.31 16.67
C GLU A 108 -17.59 -1.84 16.72
N PRO A 109 -18.56 -2.50 17.39
CA PRO A 109 -18.73 -3.95 17.14
C PRO A 109 -18.99 -4.32 15.69
N TRP A 110 -19.69 -3.48 14.93
CA TRP A 110 -19.89 -3.79 13.52
C TRP A 110 -18.61 -3.60 12.71
N TRP A 111 -17.81 -2.59 13.06
CA TRP A 111 -16.63 -2.27 12.27
C TRP A 111 -15.50 -3.27 12.48
N LYS A 112 -15.47 -3.96 13.62
CA LYS A 112 -14.52 -5.06 13.82
C LYS A 112 -15.16 -6.30 13.23
N ALA A 113 -14.93 -6.52 11.93
CA ALA A 113 -15.48 -7.67 11.24
C ALA A 113 -14.58 -8.87 11.43
N PHE A 114 -15.15 -9.96 11.97
CA PHE A 114 -14.46 -11.23 12.23
C PHE A 114 -13.24 -11.03 13.12
N ASP A 115 -13.47 -10.39 14.28
CA ASP A 115 -12.38 -10.12 15.19
C ASP A 115 -11.87 -11.40 15.85
N TYR A 116 -12.77 -12.26 16.28
CA TYR A 116 -12.41 -13.54 16.87
C TYR A 116 -12.91 -14.67 15.98
N TRP A 117 -12.02 -15.59 15.64
CA TRP A 117 -12.32 -16.74 14.80
C TRP A 117 -12.24 -18.01 15.63
N GLY A 118 -12.96 -19.03 15.19
CA GLY A 118 -12.76 -20.36 15.73
C GLY A 118 -11.51 -20.99 15.19
N GLN A 119 -11.09 -22.08 15.83
CA GLN A 119 -9.87 -22.77 15.41
C GLN A 119 -10.03 -23.51 14.09
N GLY A 120 -11.26 -23.75 13.66
CA GLY A 120 -11.51 -24.40 12.38
C GLY A 120 -11.62 -25.91 12.52
N THR A 121 -12.43 -26.49 11.64
CA THR A 121 -12.58 -27.93 11.56
C THR A 121 -12.49 -28.37 10.11
N LEU A 122 -11.96 -29.56 9.89
CA LEU A 122 -11.65 -30.05 8.56
C LEU A 122 -12.77 -30.98 8.08
N VAL A 123 -13.38 -30.62 6.96
CA VAL A 123 -14.42 -31.43 6.33
C VAL A 123 -13.82 -32.04 5.07
N THR A 124 -13.81 -33.36 4.99
CA THR A 124 -13.23 -34.09 3.87
C THR A 124 -14.33 -34.82 3.13
N VAL A 125 -14.64 -34.37 1.93
CA VAL A 125 -15.67 -34.98 1.09
C VAL A 125 -14.95 -35.71 -0.04
N SER A 126 -15.07 -37.04 -0.06
CA SER A 126 -14.26 -37.89 -0.90
C SER A 126 -14.84 -39.30 -0.89
N SER A 127 -14.90 -39.91 -2.07
CA SER A 127 -15.54 -41.21 -2.25
C SER A 127 -14.65 -42.41 -1.91
N ALA A 128 -13.35 -42.20 -1.78
CA ALA A 128 -12.45 -43.32 -1.53
C ALA A 128 -12.55 -43.78 -0.07
N SER A 129 -12.14 -45.03 0.15
CA SER A 129 -12.18 -45.64 1.47
C SER A 129 -10.75 -45.82 1.99
N THR A 130 -10.66 -46.14 3.28
CA THR A 130 -9.39 -46.17 3.99
C THR A 130 -8.47 -47.27 3.43
N LYS A 131 -7.30 -46.86 2.96
CA LYS A 131 -6.36 -47.75 2.30
C LYS A 131 -5.00 -47.64 2.96
N GLY A 132 -4.34 -48.78 3.13
CA GLY A 132 -2.99 -48.80 3.62
C GLY A 132 -2.02 -48.27 2.59
N PRO A 133 -0.96 -47.62 3.05
CA PRO A 133 -0.01 -47.01 2.12
C PRO A 133 0.87 -48.04 1.42
N SER A 134 1.18 -47.78 0.16
CA SER A 134 2.13 -48.58 -0.60
C SER A 134 3.44 -47.81 -0.69
N VAL A 135 4.52 -48.46 -0.24
CA VAL A 135 5.81 -47.81 -0.05
C VAL A 135 6.80 -48.38 -1.04
N PHE A 136 7.43 -47.50 -1.82
CA PHE A 136 8.46 -47.89 -2.76
C PHE A 136 9.69 -47.02 -2.55
N PRO A 137 10.89 -47.60 -2.64
CA PRO A 137 12.10 -46.80 -2.43
C PRO A 137 12.53 -46.06 -3.69
N LEU A 138 12.98 -44.83 -3.51
CA LEU A 138 13.58 -44.04 -4.58
C LEU A 138 15.08 -44.28 -4.51
N ALA A 139 15.54 -45.25 -5.30
CA ALA A 139 16.93 -45.71 -5.21
C ALA A 139 17.88 -44.68 -5.82
N PRO A 140 19.04 -44.46 -5.20
CA PRO A 140 20.07 -43.65 -5.84
C PRO A 140 20.63 -44.36 -7.08
N SER A 141 21.00 -43.56 -8.07
CA SER A 141 21.67 -44.11 -9.24
C SER A 141 23.13 -44.38 -8.93
N SER A 142 23.66 -45.48 -9.49
CA SER A 142 25.07 -45.77 -9.36
C SER A 142 25.91 -44.83 -10.24
N LYS A 143 25.34 -44.36 -11.35
CA LYS A 143 25.99 -43.41 -12.24
C LYS A 143 25.56 -41.97 -11.97
N SER A 144 25.21 -41.67 -10.72
CA SER A 144 24.78 -40.33 -10.34
C SER A 144 26.00 -39.48 -10.00
N THR A 145 25.75 -38.30 -9.42
CA THR A 145 26.81 -37.40 -8.98
C THR A 145 27.68 -38.05 -7.90
N SER A 146 28.99 -38.04 -8.14
CA SER A 146 29.95 -38.70 -7.27
C SER A 146 30.85 -37.65 -6.62
N GLY A 147 31.00 -37.74 -5.30
CA GLY A 147 31.76 -36.77 -4.53
C GLY A 147 30.92 -35.70 -3.89
N GLY A 148 29.68 -35.51 -4.36
CA GLY A 148 28.76 -34.56 -3.79
C GLY A 148 27.62 -35.23 -3.06
N THR A 149 26.56 -34.45 -2.81
CA THR A 149 25.37 -34.97 -2.16
C THR A 149 24.62 -35.92 -3.09
N ALA A 150 24.23 -37.08 -2.56
CA ALA A 150 23.41 -38.05 -3.27
C ALA A 150 22.04 -38.13 -2.63
N ALA A 151 21.00 -38.09 -3.44
CA ALA A 151 19.63 -38.03 -2.95
C ALA A 151 18.96 -39.40 -3.04
N LEU A 152 18.14 -39.71 -2.05
CA LEU A 152 17.36 -40.93 -2.01
C LEU A 152 16.07 -40.65 -1.26
N GLY A 153 15.08 -41.50 -1.48
CA GLY A 153 13.80 -41.28 -0.82
C GLY A 153 12.94 -42.53 -0.81
N CYS A 154 11.76 -42.38 -0.23
CA CYS A 154 10.71 -43.39 -0.28
C CYS A 154 9.43 -42.73 -0.74
N LEU A 155 8.74 -43.37 -1.68
CA LEU A 155 7.52 -42.83 -2.27
C LEU A 155 6.33 -43.55 -1.65
N VAL A 156 5.59 -42.83 -0.80
CA VAL A 156 4.35 -43.33 -0.23
C VAL A 156 3.23 -42.92 -1.18
N LYS A 157 2.65 -43.90 -1.88
CA LYS A 157 1.93 -43.61 -3.11
C LYS A 157 0.41 -43.62 -2.98
N ASP A 158 -0.17 -44.58 -2.28
CA ASP A 158 -1.64 -44.74 -2.28
C ASP A 158 -2.15 -44.91 -0.86
N TYR A 159 -2.67 -43.82 -0.29
CA TYR A 159 -3.32 -43.86 1.01
C TYR A 159 -4.39 -42.78 1.03
N PHE A 160 -5.59 -43.14 1.49
CA PHE A 160 -6.69 -42.19 1.46
C PHE A 160 -6.78 -41.23 2.67
N PRO A 161 -6.66 -41.66 3.93
CA PRO A 161 -6.64 -40.65 5.01
C PRO A 161 -5.31 -39.91 5.05
N GLU A 162 -5.40 -38.58 4.96
CA GLU A 162 -4.22 -37.75 4.72
C GLU A 162 -3.13 -37.77 5.79
N PRO A 163 -3.39 -37.77 7.15
CA PRO A 163 -2.27 -37.77 8.10
C PRO A 163 -1.39 -39.00 8.06
N VAL A 164 -0.13 -38.82 7.64
CA VAL A 164 0.87 -39.86 7.62
C VAL A 164 2.19 -39.27 8.13
N THR A 165 2.95 -40.06 8.88
CA THR A 165 4.23 -39.63 9.42
C THR A 165 5.33 -40.49 8.82
N VAL A 166 6.30 -39.86 8.18
CA VAL A 166 7.46 -40.55 7.60
C VAL A 166 8.70 -40.08 8.34
N SER A 167 9.42 -41.03 8.94
CA SER A 167 10.67 -40.74 9.62
C SER A 167 11.79 -41.58 9.00
N TRP A 168 13.00 -41.03 9.03
CA TRP A 168 14.17 -41.68 8.48
C TRP A 168 15.09 -42.11 9.61
N ASN A 169 15.36 -43.42 9.68
CA ASN A 169 16.14 -44.07 10.74
C ASN A 169 15.58 -43.76 12.13
N SER A 170 14.24 -43.82 12.23
CA SER A 170 13.47 -43.62 13.48
C SER A 170 13.74 -42.26 14.10
N GLY A 171 13.85 -41.23 13.25
CA GLY A 171 14.06 -39.88 13.71
C GLY A 171 15.51 -39.50 13.96
N ALA A 172 16.44 -40.45 13.84
CA ALA A 172 17.85 -40.12 14.02
C ALA A 172 18.40 -39.33 12.83
N LEU A 173 17.84 -39.55 11.65
CA LEU A 173 18.22 -38.81 10.45
C LEU A 173 17.19 -37.73 10.19
N THR A 174 17.58 -36.47 10.42
CA THR A 174 16.70 -35.33 10.19
C THR A 174 17.40 -34.20 9.45
N SER A 175 18.63 -34.42 8.97
CA SER A 175 19.38 -33.42 8.25
C SER A 175 19.21 -33.66 6.75
N GLY A 176 18.62 -32.69 6.06
CA GLY A 176 18.36 -32.81 4.64
C GLY A 176 17.08 -33.53 4.27
N VAL A 177 16.27 -33.92 5.25
CA VAL A 177 15.03 -34.64 4.98
C VAL A 177 13.98 -33.65 4.49
N HIS A 178 13.41 -33.93 3.32
CA HIS A 178 12.36 -33.10 2.73
C HIS A 178 11.12 -33.97 2.52
N THR A 179 10.18 -33.91 3.45
CA THR A 179 8.91 -34.61 3.31
C THR A 179 7.92 -33.67 2.61
N PHE A 180 7.47 -34.07 1.44
CA PHE A 180 6.65 -33.22 0.59
C PHE A 180 5.18 -33.28 1.01
N PRO A 181 4.43 -32.20 0.75
CA PRO A 181 2.99 -32.24 1.01
C PRO A 181 2.28 -33.26 0.13
N ALA A 182 1.25 -33.89 0.70
CA ALA A 182 0.49 -34.89 -0.03
C ALA A 182 -0.36 -34.23 -1.10
N VAL A 183 -0.29 -34.76 -2.32
CA VAL A 183 -1.13 -34.31 -3.41
C VAL A 183 -2.24 -35.33 -3.63
N LEU A 184 -3.43 -34.85 -3.95
CA LEU A 184 -4.58 -35.72 -4.15
C LEU A 184 -4.61 -36.18 -5.61
N GLN A 185 -4.52 -37.50 -5.81
CA GLN A 185 -4.50 -38.06 -7.15
C GLN A 185 -5.90 -38.07 -7.75
N SER A 186 -5.99 -38.51 -9.01
CA SER A 186 -7.28 -38.64 -9.67
C SER A 186 -8.07 -39.84 -9.14
N SER A 187 -7.42 -40.77 -8.45
CA SER A 187 -8.08 -41.92 -7.87
C SER A 187 -8.66 -41.64 -6.49
N GLY A 188 -8.51 -40.42 -5.98
CA GLY A 188 -9.00 -40.08 -4.66
C GLY A 188 -8.03 -40.38 -3.53
N LEU A 189 -6.87 -40.96 -3.84
CA LEU A 189 -5.87 -41.28 -2.85
C LEU A 189 -4.74 -40.25 -2.88
N TYR A 190 -4.03 -40.15 -1.76
CA TYR A 190 -2.93 -39.21 -1.62
C TYR A 190 -1.60 -39.91 -1.87
N SER A 191 -0.66 -39.17 -2.46
CA SER A 191 0.70 -39.63 -2.66
C SER A 191 1.66 -38.66 -2.00
N LEU A 192 2.68 -39.20 -1.33
CA LEU A 192 3.64 -38.40 -0.59
C LEU A 192 5.04 -38.90 -0.89
N SER A 193 5.91 -38.01 -1.37
CA SER A 193 7.32 -38.28 -1.52
C SER A 193 8.07 -37.74 -0.31
N SER A 194 9.02 -38.52 0.20
CA SER A 194 9.84 -38.12 1.33
C SER A 194 11.29 -38.44 0.99
N VAL A 195 12.08 -37.42 0.72
CA VAL A 195 13.45 -37.60 0.24
C VAL A 195 14.44 -37.14 1.30
N VAL A 196 15.69 -37.55 1.13
CA VAL A 196 16.78 -37.13 1.98
C VAL A 196 18.05 -37.10 1.14
N THR A 197 18.86 -36.06 1.33
CA THR A 197 20.12 -35.90 0.60
C THR A 197 21.27 -36.24 1.54
N VAL A 198 22.07 -37.23 1.17
CA VAL A 198 23.17 -37.72 1.99
C VAL A 198 24.45 -37.56 1.20
N PRO A 199 25.61 -37.50 1.88
CA PRO A 199 26.89 -37.58 1.15
C PRO A 199 27.06 -38.91 0.46
N SER A 200 27.71 -38.87 -0.71
CA SER A 200 27.89 -40.07 -1.53
C SER A 200 28.88 -41.05 -0.91
N SER A 201 29.76 -40.59 -0.03
CA SER A 201 30.68 -41.50 0.65
C SER A 201 29.96 -42.32 1.72
N SER A 202 28.88 -41.79 2.28
CA SER A 202 28.06 -42.49 3.26
C SER A 202 26.94 -43.29 2.63
N LEU A 203 26.90 -43.37 1.30
CA LEU A 203 25.84 -44.09 0.61
C LEU A 203 25.95 -45.59 0.82
N GLY A 204 27.16 -46.13 0.68
CA GLY A 204 27.36 -47.55 0.82
C GLY A 204 27.71 -48.05 2.21
N THR A 205 27.87 -47.15 3.17
CA THR A 205 28.24 -47.53 4.53
C THR A 205 27.10 -47.38 5.54
N GLN A 206 26.09 -46.55 5.26
CA GLN A 206 25.01 -46.30 6.19
C GLN A 206 23.70 -46.77 5.59
N THR A 207 22.95 -47.57 6.36
CA THR A 207 21.62 -47.98 5.94
C THR A 207 20.62 -46.86 6.17
N TYR A 208 19.56 -46.86 5.37
CA TYR A 208 18.56 -45.79 5.40
C TYR A 208 17.18 -46.43 5.39
N ILE A 209 16.51 -46.37 6.54
CA ILE A 209 15.21 -47.01 6.73
C ILE A 209 14.14 -45.92 6.70
N CYS A 210 13.19 -46.06 5.78
CA CYS A 210 12.04 -45.16 5.71
C CYS A 210 10.95 -45.72 6.60
N ASN A 211 10.87 -45.21 7.83
CA ASN A 211 9.85 -45.61 8.78
C ASN A 211 8.61 -44.74 8.54
N VAL A 212 7.61 -45.33 7.88
CA VAL A 212 6.37 -44.65 7.57
C VAL A 212 5.25 -45.25 8.41
N ASN A 213 4.45 -44.39 9.03
CA ASN A 213 3.38 -44.81 9.93
C ASN A 213 2.08 -44.20 9.46
N HIS A 214 1.09 -45.05 9.20
CA HIS A 214 -0.26 -44.61 8.84
C HIS A 214 -1.21 -45.06 9.94
N LYS A 215 -1.48 -44.17 10.89
CA LYS A 215 -2.30 -44.48 12.07
C LYS A 215 -3.79 -44.73 11.81
N PRO A 216 -4.46 -44.13 10.79
CA PRO A 216 -5.80 -44.63 10.44
C PRO A 216 -5.83 -46.09 10.02
N SER A 217 -4.83 -46.58 9.30
CA SER A 217 -4.80 -47.97 8.86
C SER A 217 -3.92 -48.85 9.71
N ASN A 218 -3.26 -48.28 10.73
CA ASN A 218 -2.35 -48.98 11.66
C ASN A 218 -1.24 -49.71 10.92
N THR A 219 -0.63 -49.03 9.96
CA THR A 219 0.35 -49.62 9.06
C THR A 219 1.75 -49.10 9.42
N LYS A 220 2.67 -50.03 9.68
CA LYS A 220 4.05 -49.71 10.00
C LYS A 220 4.94 -50.43 8.98
N VAL A 221 5.52 -49.67 8.05
CA VAL A 221 6.37 -50.23 7.00
C VAL A 221 7.78 -49.73 7.22
N ASP A 222 8.74 -50.65 7.29
CA ASP A 222 10.16 -50.34 7.43
C ASP A 222 10.81 -50.67 6.09
N LYS A 223 10.90 -49.67 5.22
CA LYS A 223 11.45 -49.84 3.88
C LYS A 223 12.92 -49.46 3.89
N LYS A 224 13.77 -50.38 3.44
CA LYS A 224 15.20 -50.13 3.31
C LYS A 224 15.48 -49.72 1.88
N VAL A 225 16.20 -48.61 1.71
CA VAL A 225 16.48 -48.05 0.39
C VAL A 225 17.93 -48.38 0.04
N GLU A 226 18.12 -49.15 -1.03
CA GLU A 226 19.42 -49.57 -1.50
C GLU A 226 19.79 -48.81 -2.77
N PRO A 227 21.08 -48.64 -3.05
CA PRO A 227 21.47 -48.17 -4.38
C PRO A 227 21.16 -49.21 -5.44
N LYS A 228 20.84 -48.73 -6.64
CA LYS A 228 20.50 -49.61 -7.75
C LYS A 228 21.71 -49.88 -8.63
N GLN B 16 14.63 -12.49 -33.63
CA GLN B 16 14.06 -11.19 -33.99
C GLN B 16 14.44 -10.13 -32.97
N VAL B 17 14.91 -10.57 -31.80
CA VAL B 17 15.27 -9.68 -30.71
C VAL B 17 16.78 -9.75 -30.51
N GLN B 18 17.43 -8.60 -30.59
CA GLN B 18 18.86 -8.48 -30.36
C GLN B 18 19.09 -7.64 -29.12
N LEU B 19 19.84 -8.18 -28.17
CA LEU B 19 20.08 -7.50 -26.90
C LEU B 19 21.25 -6.54 -27.07
N GLN B 20 20.97 -5.24 -26.97
CA GLN B 20 22.02 -4.24 -27.04
C GLN B 20 22.85 -4.27 -25.76
N GLU B 21 24.17 -4.37 -25.91
CA GLU B 21 25.08 -4.55 -24.79
C GLU B 21 25.95 -3.31 -24.65
N SER B 22 25.95 -2.71 -23.46
CA SER B 22 26.73 -1.51 -23.16
C SER B 22 27.47 -1.72 -21.85
N GLY B 23 28.45 -0.85 -21.62
CA GLY B 23 29.30 -0.98 -20.46
C GLY B 23 30.44 -1.95 -20.70
N GLY B 24 31.28 -2.09 -19.68
CA GLY B 24 32.41 -2.98 -19.74
C GLY B 24 33.73 -2.22 -19.66
N GLY B 25 34.80 -2.91 -20.00
CA GLY B 25 36.13 -2.34 -19.93
C GLY B 25 36.81 -2.60 -18.61
N LEU B 26 38.07 -2.17 -18.55
CA LEU B 26 38.89 -2.38 -17.37
C LEU B 26 38.45 -1.46 -16.23
N VAL B 27 38.34 -2.02 -15.03
CA VAL B 27 38.03 -1.25 -13.84
C VAL B 27 38.97 -1.70 -12.73
N GLN B 28 39.33 -0.74 -11.86
CA GLN B 28 40.22 -1.02 -10.75
C GLN B 28 39.50 -1.86 -9.70
N PRO B 29 40.25 -2.58 -8.85
CA PRO B 29 39.64 -3.21 -7.68
C PRO B 29 39.03 -2.17 -6.75
N GLY B 30 37.86 -2.48 -6.21
CA GLY B 30 37.09 -1.51 -5.47
C GLY B 30 36.35 -0.50 -6.32
N GLY B 31 36.31 -0.71 -7.63
CA GLY B 31 35.70 0.23 -8.55
C GLY B 31 34.19 0.13 -8.58
N SER B 32 33.61 0.83 -9.55
CA SER B 32 32.16 0.87 -9.70
C SER B 32 31.84 1.09 -11.17
N LEU B 33 31.36 0.06 -11.85
CA LEU B 33 31.03 0.12 -13.26
C LEU B 33 29.52 -0.05 -13.42
N ARG B 34 28.95 0.64 -14.41
CA ARG B 34 27.51 0.65 -14.60
C ARG B 34 27.19 0.00 -15.95
N LEU B 35 26.46 -1.11 -15.91
CA LEU B 35 26.16 -1.90 -17.09
C LEU B 35 24.69 -1.76 -17.45
N SER B 36 24.39 -1.74 -18.75
CA SER B 36 23.02 -1.60 -19.21
C SER B 36 22.77 -2.52 -20.39
N CYS B 37 21.57 -3.10 -20.44
CA CYS B 37 21.15 -3.97 -21.52
C CYS B 37 19.83 -3.47 -22.08
N ALA B 38 19.81 -3.16 -23.38
CA ALA B 38 18.61 -2.69 -24.05
C ALA B 38 18.10 -3.74 -25.02
N ALA B 39 16.79 -3.88 -25.08
CA ALA B 39 16.14 -4.81 -26.00
C ALA B 39 15.73 -4.10 -27.28
N SER B 40 15.61 -4.89 -28.36
CA SER B 40 15.22 -4.38 -29.67
C SER B 40 14.01 -5.15 -30.17
N GLY B 41 13.01 -4.42 -30.66
CA GLY B 41 11.84 -5.05 -31.25
C GLY B 41 10.64 -5.18 -30.33
N ARG B 42 10.88 -5.51 -29.05
CA ARG B 42 9.79 -5.74 -28.12
C ARG B 42 10.15 -5.15 -26.77
N THR B 43 9.15 -5.04 -25.90
CA THR B 43 9.27 -4.31 -24.65
C THR B 43 9.37 -5.29 -23.49
N ILE B 44 10.33 -5.04 -22.59
CA ILE B 44 10.61 -5.93 -21.47
C ILE B 44 9.79 -5.61 -20.24
N SER B 45 8.87 -4.64 -20.33
CA SER B 45 8.06 -4.17 -19.19
C SER B 45 7.30 -5.31 -18.50
N ARG B 46 6.78 -6.26 -19.27
CA ARG B 46 6.01 -7.36 -18.72
C ARG B 46 6.83 -8.62 -18.49
N TYR B 47 8.14 -8.55 -18.69
CA TYR B 47 9.03 -9.70 -18.48
C TYR B 47 10.01 -9.40 -17.35
N ALA B 48 10.94 -10.32 -17.14
CA ALA B 48 12.04 -10.18 -16.19
C ALA B 48 13.37 -10.26 -16.93
N MET B 49 14.35 -9.49 -16.45
CA MET B 49 15.66 -9.41 -17.08
C MET B 49 16.71 -9.99 -16.13
N SER B 50 17.53 -10.89 -16.65
CA SER B 50 18.50 -11.63 -15.84
C SER B 50 19.91 -11.38 -16.34
N TRP B 51 20.85 -11.27 -15.40
CA TRP B 51 22.25 -11.04 -15.69
C TRP B 51 23.06 -12.29 -15.39
N PHE B 52 24.02 -12.59 -16.27
CA PHE B 52 24.83 -13.79 -16.15
C PHE B 52 26.29 -13.46 -16.39
N ARG B 53 27.19 -14.24 -15.78
CA ARG B 53 28.63 -14.05 -15.94
C ARG B 53 29.27 -15.33 -16.45
N GLN B 54 30.42 -15.16 -17.11
CA GLN B 54 31.18 -16.28 -17.68
C GLN B 54 32.62 -16.14 -17.20
N ALA B 55 32.96 -16.83 -16.12
CA ALA B 55 34.33 -16.85 -15.65
C ALA B 55 35.21 -17.66 -16.60
N PRO B 56 36.47 -17.25 -16.79
CA PRO B 56 37.36 -17.99 -17.69
C PRO B 56 37.76 -19.33 -17.09
N GLY B 57 37.44 -20.40 -17.81
CA GLY B 57 37.65 -21.74 -17.32
C GLY B 57 36.47 -22.33 -16.55
N LYS B 58 35.40 -21.58 -16.38
CA LYS B 58 34.22 -22.00 -15.65
C LYS B 58 32.99 -21.89 -16.55
N GLU B 59 31.84 -22.30 -16.02
CA GLU B 59 30.58 -22.28 -16.75
C GLU B 59 29.85 -20.96 -16.49
N ARG B 60 28.72 -20.78 -17.17
CA ARG B 60 27.96 -19.55 -17.05
C ARG B 60 27.21 -19.53 -15.71
N GLU B 61 27.35 -18.41 -15.00
CA GLU B 61 26.87 -18.31 -13.62
C GLU B 61 25.87 -17.17 -13.50
N PHE B 62 24.81 -17.43 -12.72
CA PHE B 62 23.75 -16.45 -12.50
C PHE B 62 24.20 -15.31 -11.60
N VAL B 63 24.04 -14.08 -12.07
CA VAL B 63 24.41 -12.90 -11.27
C VAL B 63 23.21 -12.28 -10.57
N ALA B 64 22.13 -11.96 -11.30
CA ALA B 64 21.01 -11.21 -10.76
C ALA B 64 19.85 -11.21 -11.74
N VAL B 65 18.64 -11.04 -11.21
CA VAL B 65 17.42 -10.94 -12.02
C VAL B 65 16.58 -9.79 -11.48
N ALA B 66 16.06 -8.95 -12.39
CA ALA B 66 15.15 -7.87 -12.06
C ALA B 66 13.76 -8.27 -12.50
N ARG B 67 12.87 -8.46 -11.54
CA ARG B 67 11.50 -8.85 -11.84
C ARG B 67 10.71 -7.66 -12.36
N ARG B 68 9.51 -7.95 -12.87
CA ARG B 68 8.62 -6.92 -13.39
C ARG B 68 8.17 -5.98 -12.29
N SER B 69 8.14 -4.68 -12.61
CA SER B 69 7.74 -3.54 -11.75
C SER B 69 8.50 -3.62 -10.42
N GLY B 70 7.83 -3.52 -9.28
CA GLY B 70 8.48 -3.54 -7.98
C GLY B 70 8.33 -4.84 -7.24
N ASP B 71 8.24 -5.96 -8.00
CA ASP B 71 8.17 -7.29 -7.39
C ASP B 71 9.41 -7.60 -6.56
N GLY B 72 10.58 -7.28 -7.08
CA GLY B 72 11.81 -7.46 -6.32
C GLY B 72 12.98 -7.74 -7.23
N ALA B 73 14.18 -7.50 -6.70
CA ALA B 73 15.43 -7.79 -7.39
C ALA B 73 16.15 -8.87 -6.61
N PHE B 74 16.41 -10.00 -7.27
CA PHE B 74 17.00 -11.17 -6.64
C PHE B 74 18.44 -11.32 -7.12
N TYR B 75 19.37 -11.45 -6.17
CA TYR B 75 20.79 -11.52 -6.44
C TYR B 75 21.35 -12.88 -6.03
N ALA B 76 22.52 -13.20 -6.58
CA ALA B 76 23.20 -14.44 -6.23
C ALA B 76 23.93 -14.29 -4.89
N ASP B 77 24.61 -15.35 -4.46
CA ASP B 77 25.28 -15.37 -3.17
C ASP B 77 26.56 -14.54 -3.20
N SER B 78 27.32 -14.61 -4.30
CA SER B 78 28.60 -13.91 -4.37
C SER B 78 28.46 -12.42 -4.56
N VAL B 79 27.35 -11.95 -5.11
CA VAL B 79 27.16 -10.55 -5.45
C VAL B 79 26.12 -9.88 -4.55
N GLN B 80 25.70 -10.54 -3.48
CA GLN B 80 24.65 -9.99 -2.63
C GLN B 80 25.19 -8.85 -1.79
N GLY B 81 24.49 -7.71 -1.82
CA GLY B 81 24.89 -6.53 -1.09
C GLY B 81 25.85 -5.62 -1.83
N ARG B 82 26.49 -6.14 -2.89
CA ARG B 82 27.42 -5.37 -3.72
C ARG B 82 26.77 -4.83 -4.98
N PHE B 83 25.94 -5.63 -5.65
CA PHE B 83 25.37 -5.25 -6.92
C PHE B 83 23.97 -4.69 -6.72
N THR B 84 23.43 -4.07 -7.77
CA THR B 84 22.07 -3.55 -7.75
C THR B 84 21.55 -3.52 -9.18
N VAL B 85 20.52 -4.32 -9.45
CA VAL B 85 19.91 -4.37 -10.77
C VAL B 85 18.59 -3.62 -10.73
N SER B 86 18.36 -2.77 -11.74
CA SER B 86 17.17 -1.93 -11.80
C SER B 86 16.80 -1.74 -13.26
N ARG B 87 15.57 -1.26 -13.48
CA ARG B 87 15.07 -1.14 -14.84
C ARG B 87 14.17 0.08 -14.95
N ASP B 88 14.45 0.94 -15.94
CA ASP B 88 13.53 1.98 -16.37
C ASP B 88 12.81 1.47 -17.63
N ASP B 89 11.69 0.78 -17.39
CA ASP B 89 10.97 0.06 -18.43
C ASP B 89 10.35 0.96 -19.49
N ALA B 90 10.16 2.25 -19.19
CA ALA B 90 9.76 3.20 -20.22
C ALA B 90 10.83 3.36 -21.29
N LYS B 91 12.11 3.34 -20.89
CA LYS B 91 13.21 3.45 -21.83
C LYS B 91 13.63 2.10 -22.41
N ASN B 92 13.03 1.00 -21.91
CA ASN B 92 13.24 -0.37 -22.40
C ASN B 92 14.71 -0.77 -22.29
N THR B 93 15.24 -0.63 -21.07
CA THR B 93 16.63 -0.96 -20.78
C THR B 93 16.72 -1.34 -19.31
N VAL B 94 17.47 -2.40 -19.01
CA VAL B 94 17.73 -2.83 -17.64
C VAL B 94 19.15 -2.42 -17.26
N TYR B 95 19.32 -1.91 -16.04
CA TYR B 95 20.60 -1.41 -15.56
C TYR B 95 21.14 -2.34 -14.49
N LEU B 96 22.46 -2.35 -14.33
CA LEU B 96 23.12 -3.14 -13.29
C LEU B 96 24.18 -2.26 -12.62
N GLN B 97 23.88 -1.79 -11.42
CA GLN B 97 24.84 -1.02 -10.64
C GLN B 97 25.81 -2.01 -9.99
N MET B 98 26.99 -2.13 -10.59
CA MET B 98 28.04 -3.00 -10.05
C MET B 98 28.96 -2.17 -9.17
N ASN B 99 28.94 -2.44 -7.87
CA ASN B 99 29.79 -1.79 -6.89
C ASN B 99 30.62 -2.85 -6.17
N SER B 100 31.70 -2.38 -5.52
CA SER B 100 32.64 -3.20 -4.75
C SER B 100 33.23 -4.33 -5.57
N LEU B 101 34.22 -4.01 -6.41
CA LEU B 101 34.79 -4.96 -7.36
C LEU B 101 36.01 -5.65 -6.77
N LYS B 102 36.02 -6.98 -6.85
CA LYS B 102 37.12 -7.85 -6.43
C LYS B 102 37.86 -8.38 -7.66
N PRO B 103 39.14 -8.74 -7.55
CA PRO B 103 39.88 -9.20 -8.74
C PRO B 103 39.44 -10.56 -9.28
N GLU B 104 38.60 -11.30 -8.56
CA GLU B 104 38.07 -12.56 -9.05
C GLU B 104 36.78 -12.41 -9.84
N ASP B 105 36.43 -11.19 -10.24
CA ASP B 105 35.20 -10.92 -10.97
C ASP B 105 35.52 -10.57 -12.43
N THR B 106 36.63 -11.10 -12.95
CA THR B 106 37.04 -10.85 -14.33
C THR B 106 36.27 -11.77 -15.27
N ALA B 107 35.00 -11.42 -15.49
CA ALA B 107 34.08 -12.28 -16.22
C ALA B 107 33.31 -11.46 -17.24
N VAL B 108 32.94 -12.11 -18.34
CA VAL B 108 32.10 -11.50 -19.35
C VAL B 108 30.66 -11.55 -18.88
N TYR B 109 29.96 -10.42 -18.95
CA TYR B 109 28.61 -10.30 -18.42
C TYR B 109 27.59 -10.26 -19.56
N TYR B 110 26.57 -11.12 -19.47
CA TYR B 110 25.53 -11.28 -20.48
C TYR B 110 24.19 -10.84 -19.92
N CYS B 111 23.18 -10.89 -20.78
CA CYS B 111 21.80 -10.63 -20.41
C CYS B 111 20.90 -11.67 -21.05
N ALA B 112 19.76 -11.92 -20.41
CA ALA B 112 18.80 -12.91 -20.90
C ALA B 112 17.39 -12.45 -20.61
N ILE B 113 16.52 -12.58 -21.61
CA ILE B 113 15.10 -12.23 -21.47
C ILE B 113 14.34 -13.45 -20.97
N ASP B 114 13.67 -13.31 -19.84
CA ASP B 114 12.77 -14.35 -19.38
C ASP B 114 11.51 -14.33 -20.24
N SER B 115 11.27 -15.42 -20.97
CA SER B 115 10.27 -15.43 -22.03
C SER B 115 8.87 -15.70 -21.54
N ASP B 116 8.63 -15.82 -20.23
CA ASP B 116 7.30 -16.08 -19.72
C ASP B 116 6.98 -15.18 -18.53
N THR B 117 5.68 -15.03 -18.28
CA THR B 117 5.18 -14.17 -17.21
C THR B 117 5.50 -14.76 -15.83
N PHE B 118 5.41 -16.08 -15.68
CA PHE B 118 5.45 -16.73 -14.38
C PHE B 118 6.86 -16.96 -13.85
N TYR B 119 7.88 -16.36 -14.49
CA TYR B 119 9.26 -16.31 -14.01
C TYR B 119 9.88 -17.70 -13.84
N SER B 120 9.56 -18.61 -14.76
CA SER B 120 10.09 -19.96 -14.67
C SER B 120 11.52 -20.07 -15.17
N GLY B 121 12.04 -19.06 -15.86
CA GLY B 121 13.43 -19.06 -16.25
C GLY B 121 13.69 -19.55 -17.66
N SER B 122 12.87 -19.14 -18.62
CA SER B 122 13.05 -19.53 -20.01
C SER B 122 13.93 -18.48 -20.69
N TYR B 123 15.21 -18.79 -20.81
CA TYR B 123 16.20 -17.87 -21.39
C TYR B 123 16.56 -18.34 -22.79
N ASP B 124 15.93 -17.72 -23.80
CA ASP B 124 16.23 -18.01 -25.20
C ASP B 124 16.65 -16.80 -26.00
N TYR B 125 16.58 -15.59 -25.42
CA TYR B 125 17.04 -14.37 -26.08
C TYR B 125 18.25 -13.86 -25.30
N TRP B 126 19.43 -14.23 -25.77
CA TRP B 126 20.68 -13.92 -25.06
C TRP B 126 21.39 -12.72 -25.67
N GLY B 127 22.34 -12.18 -24.90
CA GLY B 127 23.14 -11.06 -25.33
C GLY B 127 24.55 -11.49 -25.71
N GLN B 128 25.22 -10.64 -26.47
CA GLN B 128 26.56 -10.97 -26.97
C GLN B 128 27.65 -10.81 -25.92
N GLY B 129 27.38 -10.15 -24.81
CA GLY B 129 28.29 -10.14 -23.69
C GLY B 129 29.12 -8.86 -23.62
N THR B 130 29.41 -8.46 -22.38
CA THR B 130 30.31 -7.34 -22.11
C THR B 130 31.46 -7.84 -21.24
N GLN B 131 32.69 -7.68 -21.73
CA GLN B 131 33.85 -8.11 -20.96
C GLN B 131 34.13 -7.12 -19.84
N VAL B 132 34.03 -7.60 -18.60
CA VAL B 132 34.31 -6.79 -17.42
C VAL B 132 35.50 -7.43 -16.72
N THR B 133 36.66 -6.81 -16.85
CA THR B 133 37.89 -7.31 -16.26
C THR B 133 38.35 -6.39 -15.13
N VAL B 134 38.93 -7.00 -14.10
CA VAL B 134 39.42 -6.28 -12.92
C VAL B 134 40.87 -6.65 -12.71
N SER B 135 41.72 -5.66 -12.49
CA SER B 135 43.13 -5.88 -12.18
C SER B 135 43.31 -6.59 -10.84
N ASP C 1 -20.13 -10.69 -5.87
CA ASP C 1 -20.56 -9.56 -6.67
C ASP C 1 -19.55 -8.41 -6.58
N ILE C 2 -18.96 -8.25 -5.40
CA ILE C 2 -17.93 -7.25 -5.16
C ILE C 2 -16.58 -7.97 -5.11
N GLN C 3 -15.71 -7.65 -6.05
CA GLN C 3 -14.41 -8.31 -6.16
C GLN C 3 -13.35 -7.49 -5.45
N MET C 4 -12.48 -8.19 -4.72
CA MET C 4 -11.33 -7.57 -4.05
C MET C 4 -10.07 -8.12 -4.71
N THR C 5 -9.58 -7.41 -5.72
CA THR C 5 -8.40 -7.84 -6.46
C THR C 5 -7.16 -7.40 -5.70
N GLN C 6 -6.54 -8.33 -4.99
CA GLN C 6 -5.32 -8.04 -4.24
C GLN C 6 -4.16 -8.07 -5.23
N SER C 7 -3.48 -6.91 -5.38
CA SER C 7 -2.44 -6.80 -6.40
C SER C 7 -1.23 -7.72 -6.20
N PRO C 8 -0.62 -7.89 -4.98
CA PRO C 8 0.55 -8.79 -4.95
C PRO C 8 0.16 -10.19 -4.50
N SER C 9 0.48 -11.20 -5.30
CA SER C 9 0.20 -12.57 -4.91
C SER C 9 1.42 -13.29 -4.36
N SER C 10 2.61 -12.89 -4.78
CA SER C 10 3.86 -13.35 -4.18
C SER C 10 4.68 -12.12 -3.80
N LEU C 11 5.19 -12.11 -2.56
CA LEU C 11 5.91 -10.96 -2.06
C LEU C 11 7.09 -11.46 -1.22
N SER C 12 8.30 -11.16 -1.68
CA SER C 12 9.52 -11.59 -1.00
C SER C 12 10.15 -10.41 -0.30
N ALA C 13 10.44 -10.57 0.99
CA ALA C 13 11.08 -9.52 1.77
C ALA C 13 11.83 -10.15 2.94
N SER C 14 12.77 -9.38 3.49
CA SER C 14 13.58 -9.81 4.61
C SER C 14 13.15 -9.06 5.87
N VAL C 15 13.87 -9.32 6.96
CA VAL C 15 13.56 -8.68 8.23
C VAL C 15 13.96 -7.22 8.19
N GLY C 16 13.03 -6.34 8.52
CA GLY C 16 13.25 -4.91 8.50
C GLY C 16 12.80 -4.20 7.24
N ASP C 17 12.34 -4.95 6.23
CA ASP C 17 11.88 -4.34 4.99
C ASP C 17 10.51 -3.70 5.18
N ARG C 18 10.20 -2.74 4.32
CA ARG C 18 8.90 -2.09 4.30
C ARG C 18 8.10 -2.63 3.12
N VAL C 19 6.99 -3.30 3.41
CA VAL C 19 6.19 -3.96 2.39
C VAL C 19 4.87 -3.22 2.23
N THR C 20 4.23 -3.47 1.09
CA THR C 20 2.98 -2.79 0.74
C THR C 20 2.12 -3.77 -0.05
N ILE C 21 0.91 -4.03 0.45
CA ILE C 21 -0.05 -4.91 -0.20
C ILE C 21 -1.24 -4.07 -0.61
N THR C 22 -1.57 -4.08 -1.91
CA THR C 22 -2.62 -3.25 -2.47
C THR C 22 -3.83 -4.12 -2.79
N CYS C 23 -4.99 -3.74 -2.24
CA CYS C 23 -6.26 -4.40 -2.52
C CYS C 23 -7.18 -3.40 -3.19
N ARG C 24 -7.74 -3.79 -4.33
CA ARG C 24 -8.63 -2.93 -5.11
C ARG C 24 -10.04 -3.49 -5.08
N ALA C 25 -11.00 -2.63 -4.76
CA ALA C 25 -12.41 -3.02 -4.75
C ALA C 25 -13.05 -2.75 -6.11
N SER C 26 -13.99 -3.63 -6.49
CA SER C 26 -14.63 -3.50 -7.79
C SER C 26 -15.57 -2.31 -7.84
N GLN C 27 -16.27 -2.04 -6.74
CA GLN C 27 -17.11 -0.85 -6.59
C GLN C 27 -16.82 -0.24 -5.23
N SER C 28 -17.55 0.83 -4.91
CA SER C 28 -17.36 1.49 -3.62
C SER C 28 -17.86 0.63 -2.48
N VAL C 29 -17.02 0.43 -1.47
CA VAL C 29 -17.37 -0.27 -0.25
C VAL C 29 -17.17 0.61 0.97
N SER C 30 -16.98 1.91 0.76
CA SER C 30 -16.72 2.95 1.76
C SER C 30 -15.45 2.57 2.53
N SER C 31 -15.46 2.64 3.86
CA SER C 31 -14.30 2.31 4.67
C SER C 31 -14.26 0.85 5.11
N ALA C 32 -15.32 0.08 4.83
CA ALA C 32 -15.48 -1.27 5.36
C ALA C 32 -14.56 -2.26 4.64
N VAL C 33 -13.26 -2.17 4.95
CA VAL C 33 -12.26 -3.11 4.46
C VAL C 33 -11.39 -3.55 5.62
N ALA C 34 -11.27 -4.86 5.81
CA ALA C 34 -10.48 -5.45 6.89
C ALA C 34 -9.31 -6.23 6.33
N TRP C 35 -8.27 -6.36 7.16
CA TRP C 35 -7.05 -7.09 6.81
C TRP C 35 -6.79 -8.18 7.84
N TYR C 36 -6.41 -9.36 7.36
CA TYR C 36 -6.22 -10.53 8.21
C TYR C 36 -4.86 -11.15 7.95
N GLN C 37 -4.31 -11.79 8.97
CA GLN C 37 -3.06 -12.53 8.87
C GLN C 37 -3.34 -13.98 9.22
N GLN C 38 -2.99 -14.90 8.32
CA GLN C 38 -3.18 -16.32 8.54
C GLN C 38 -1.83 -17.03 8.46
N LYS C 39 -1.31 -17.45 9.61
CA LYS C 39 -0.18 -18.36 9.62
C LYS C 39 -0.65 -19.75 9.17
N PRO C 40 0.25 -20.56 8.59
CA PRO C 40 -0.16 -21.88 8.09
C PRO C 40 -0.57 -22.81 9.22
N GLY C 41 -1.72 -23.44 9.07
CA GLY C 41 -2.28 -24.32 10.07
C GLY C 41 -3.07 -23.65 11.16
N LYS C 42 -3.22 -22.33 11.11
CA LYS C 42 -3.89 -21.57 12.16
C LYS C 42 -5.04 -20.76 11.57
N ALA C 43 -5.90 -20.27 12.46
CA ALA C 43 -7.01 -19.42 12.06
C ALA C 43 -6.51 -18.03 11.69
N PRO C 44 -7.23 -17.31 10.83
CA PRO C 44 -6.86 -15.92 10.54
C PRO C 44 -7.06 -15.02 11.76
N LYS C 45 -6.24 -13.98 11.83
CA LYS C 45 -6.27 -13.01 12.91
C LYS C 45 -6.43 -11.62 12.33
N LEU C 46 -7.36 -10.84 12.89
CA LEU C 46 -7.62 -9.50 12.41
C LEU C 46 -6.47 -8.56 12.79
N LEU C 47 -6.03 -7.76 11.82
CA LEU C 47 -5.01 -6.75 12.06
C LEU C 47 -5.57 -5.33 11.93
N ILE C 48 -6.18 -5.02 10.79
CA ILE C 48 -6.71 -3.69 10.51
C ILE C 48 -8.20 -3.85 10.24
N TYR C 49 -9.00 -3.01 10.89
CA TYR C 49 -10.41 -2.86 10.56
C TYR C 49 -10.66 -1.39 10.26
N SER C 50 -11.69 -1.14 9.43
CA SER C 50 -12.15 0.17 8.96
C SER C 50 -11.18 0.78 7.97
N ALA C 51 -10.16 0.04 7.53
CA ALA C 51 -9.12 0.27 6.54
C ALA C 51 -7.99 1.12 7.11
N SER C 52 -8.13 1.68 8.31
CA SER C 52 -7.06 2.41 8.96
C SER C 52 -6.85 2.06 10.43
N SER C 53 -7.86 1.55 11.12
CA SER C 53 -7.79 1.40 12.57
C SER C 53 -7.09 0.10 12.95
N LEU C 54 -6.09 0.21 13.81
CA LEU C 54 -5.35 -0.96 14.28
C LEU C 54 -6.17 -1.70 15.33
N TYR C 55 -6.26 -3.02 15.17
CA TYR C 55 -6.93 -3.85 16.17
C TYR C 55 -6.06 -3.96 17.41
N SER C 56 -6.72 -4.17 18.55
CA SER C 56 -6.03 -4.24 19.83
C SER C 56 -5.21 -5.53 19.93
N GLY C 57 -3.97 -5.40 20.39
CA GLY C 57 -3.04 -6.51 20.45
C GLY C 57 -2.16 -6.65 19.25
N VAL C 58 -2.55 -6.07 18.12
CA VAL C 58 -1.70 -6.07 16.92
C VAL C 58 -0.55 -5.08 17.14
N PRO C 59 0.69 -5.44 16.77
CA PRO C 59 1.80 -4.48 16.89
C PRO C 59 1.64 -3.28 15.97
N SER C 60 2.24 -2.16 16.39
CA SER C 60 2.05 -0.87 15.75
C SER C 60 2.74 -0.78 14.38
N ARG C 61 3.56 -1.76 14.01
CA ARG C 61 4.20 -1.76 12.70
C ARG C 61 3.22 -1.97 11.55
N PHE C 62 2.04 -2.53 11.83
CA PHE C 62 1.01 -2.65 10.81
C PHE C 62 0.23 -1.34 10.68
N SER C 63 -0.13 -1.00 9.45
CA SER C 63 -0.88 0.22 9.19
C SER C 63 -1.71 0.05 7.94
N GLY C 64 -2.79 0.83 7.86
CA GLY C 64 -3.69 0.77 6.73
C GLY C 64 -3.98 2.15 6.18
N SER C 65 -4.42 2.18 4.92
CA SER C 65 -4.77 3.42 4.27
C SER C 65 -5.81 3.15 3.19
N ARG C 66 -6.56 4.18 2.83
CA ARG C 66 -7.60 4.10 1.81
C ARG C 66 -7.45 5.27 0.84
N SER C 67 -7.42 4.96 -0.46
CA SER C 67 -7.41 5.96 -1.51
C SER C 67 -8.54 5.63 -2.49
N GLY C 68 -9.74 6.10 -2.17
CA GLY C 68 -10.91 5.79 -2.98
C GLY C 68 -11.35 4.35 -2.86
N THR C 69 -11.23 3.59 -3.94
CA THR C 69 -11.50 2.17 -3.95
C THR C 69 -10.23 1.35 -3.80
N ASP C 70 -9.11 1.99 -3.49
CA ASP C 70 -7.82 1.33 -3.33
C ASP C 70 -7.45 1.30 -1.85
N PHE C 71 -7.05 0.14 -1.37
CA PHE C 71 -6.79 -0.08 0.04
C PHE C 71 -5.41 -0.72 0.18
N THR C 72 -4.66 -0.28 1.19
CA THR C 72 -3.25 -0.60 1.28
C THR C 72 -2.89 -1.00 2.71
N LEU C 73 -2.29 -2.18 2.86
CA LEU C 73 -1.73 -2.62 4.13
C LEU C 73 -0.21 -2.46 4.07
N THR C 74 0.35 -1.83 5.10
CA THR C 74 1.77 -1.51 5.13
C THR C 74 2.39 -1.99 6.44
N ILE C 75 3.53 -2.66 6.34
CA ILE C 75 4.32 -3.08 7.50
C ILE C 75 5.65 -2.35 7.39
N SER C 76 5.91 -1.43 8.32
CA SER C 76 7.08 -0.57 8.21
C SER C 76 8.37 -1.29 8.58
N SER C 77 8.36 -2.03 9.69
CA SER C 77 9.56 -2.69 10.21
C SER C 77 9.23 -4.17 10.38
N LEU C 78 9.42 -4.93 9.31
CA LEU C 78 8.97 -6.32 9.27
C LEU C 78 9.81 -7.20 10.19
N GLN C 79 9.14 -8.15 10.83
CA GLN C 79 9.70 -9.05 11.83
C GLN C 79 9.59 -10.48 11.32
N PRO C 80 10.35 -11.43 11.91
CA PRO C 80 10.18 -12.84 11.51
C PRO C 80 8.80 -13.43 11.81
N GLU C 81 8.03 -12.84 12.71
CA GLU C 81 6.68 -13.32 12.99
C GLU C 81 5.65 -12.79 12.00
N ASP C 82 6.04 -11.93 11.07
CA ASP C 82 5.14 -11.36 10.08
C ASP C 82 5.07 -12.17 8.80
N PHE C 83 5.77 -13.31 8.73
CA PHE C 83 5.79 -14.14 7.52
C PHE C 83 4.56 -15.05 7.54
N ALA C 84 3.51 -14.61 6.86
CA ALA C 84 2.26 -15.36 6.77
C ALA C 84 1.53 -14.93 5.50
N THR C 85 0.27 -15.33 5.38
CA THR C 85 -0.58 -14.95 4.28
C THR C 85 -1.52 -13.84 4.72
N TYR C 86 -1.74 -12.86 3.86
CA TYR C 86 -2.50 -11.67 4.20
C TYR C 86 -3.69 -11.51 3.26
N TYR C 87 -4.88 -11.41 3.84
CA TYR C 87 -6.13 -11.36 3.09
C TYR C 87 -6.83 -10.03 3.34
N CYS C 88 -7.42 -9.47 2.30
CA CYS C 88 -8.27 -8.29 2.41
C CYS C 88 -9.73 -8.68 2.22
N GLN C 89 -10.58 -8.29 3.18
CA GLN C 89 -12.01 -8.53 3.15
C GLN C 89 -12.74 -7.21 3.11
N GLN C 90 -13.68 -7.06 2.18
CA GLN C 90 -14.68 -6.01 2.28
C GLN C 90 -15.89 -6.55 3.03
N TYR C 91 -16.46 -5.71 3.91
CA TYR C 91 -17.54 -6.14 4.79
C TYR C 91 -18.67 -5.12 4.77
N LEU C 92 -19.10 -4.73 3.57
CA LEU C 92 -20.15 -3.72 3.43
C LEU C 92 -21.50 -4.23 3.96
N TYR C 93 -21.77 -5.52 3.83
CA TYR C 93 -22.94 -6.12 4.45
C TYR C 93 -22.58 -7.54 4.87
N TYR C 94 -23.47 -8.14 5.66
CA TYR C 94 -23.28 -9.52 6.15
C TYR C 94 -23.22 -10.52 5.01
N SER C 95 -24.11 -10.38 4.03
CA SER C 95 -24.19 -11.33 2.93
C SER C 95 -23.27 -10.98 1.77
N LEU C 96 -22.62 -9.82 1.81
CA LEU C 96 -21.76 -9.36 0.72
C LEU C 96 -20.29 -9.42 1.12
N VAL C 97 -19.90 -10.43 1.88
CA VAL C 97 -18.53 -10.60 2.32
C VAL C 97 -17.74 -11.31 1.23
N THR C 98 -16.67 -10.68 0.76
CA THR C 98 -15.72 -11.31 -0.16
C THR C 98 -14.31 -11.05 0.32
N PHE C 99 -13.47 -12.08 0.27
CA PHE C 99 -12.07 -11.99 0.64
C PHE C 99 -11.20 -11.81 -0.60
N GLY C 100 -9.97 -11.34 -0.36
CA GLY C 100 -8.98 -11.29 -1.41
C GLY C 100 -8.34 -12.65 -1.67
N GLN C 101 -7.49 -12.69 -2.70
CA GLN C 101 -6.83 -13.93 -3.09
C GLN C 101 -5.68 -14.30 -2.15
N GLY C 102 -5.22 -13.38 -1.32
CA GLY C 102 -4.16 -13.68 -0.37
C GLY C 102 -2.78 -13.34 -0.87
N THR C 103 -2.00 -12.67 -0.03
CA THR C 103 -0.61 -12.32 -0.32
C THR C 103 0.30 -13.12 0.59
N LYS C 104 1.01 -14.10 0.03
CA LYS C 104 2.03 -14.81 0.77
C LYS C 104 3.27 -13.94 0.88
N VAL C 105 3.74 -13.73 2.11
CA VAL C 105 4.96 -12.97 2.37
C VAL C 105 6.03 -13.97 2.79
N GLU C 106 7.04 -14.15 1.94
CA GLU C 106 8.09 -15.13 2.16
C GLU C 106 9.43 -14.43 2.32
N ILE C 107 10.41 -15.19 2.81
CA ILE C 107 11.72 -14.64 3.13
C ILE C 107 12.54 -14.50 1.85
N LYS C 108 13.08 -13.29 1.62
CA LYS C 108 14.00 -13.07 0.52
C LYS C 108 15.39 -13.58 0.90
N ARG C 109 16.10 -14.13 -0.08
CA ARG C 109 17.47 -14.58 0.11
C ARG C 109 18.17 -14.59 -1.24
N THR C 110 19.31 -15.28 -1.32
CA THR C 110 20.10 -15.36 -2.52
C THR C 110 19.66 -16.54 -3.39
N VAL C 111 19.67 -16.33 -4.70
CA VAL C 111 19.17 -17.30 -5.67
C VAL C 111 20.05 -18.53 -5.69
N ALA C 112 19.46 -19.69 -5.44
CA ALA C 112 20.13 -20.97 -5.55
C ALA C 112 19.48 -21.79 -6.66
N ALA C 113 20.31 -22.32 -7.56
CA ALA C 113 19.82 -23.20 -8.59
C ALA C 113 19.44 -24.56 -7.99
N PRO C 114 18.43 -25.22 -8.53
CA PRO C 114 18.05 -26.54 -8.00
C PRO C 114 19.08 -27.61 -8.30
N SER C 115 19.17 -28.57 -7.38
CA SER C 115 19.95 -29.79 -7.59
C SER C 115 18.97 -30.85 -8.08
N VAL C 116 19.02 -31.14 -9.37
CA VAL C 116 18.03 -32.01 -10.01
C VAL C 116 18.46 -33.46 -9.87
N PHE C 117 17.56 -34.29 -9.35
CA PHE C 117 17.75 -35.73 -9.28
C PHE C 117 16.57 -36.40 -9.94
N ILE C 118 16.82 -37.51 -10.64
CA ILE C 118 15.76 -38.29 -11.26
C ILE C 118 15.81 -39.70 -10.67
N PHE C 119 14.64 -40.27 -10.44
CA PHE C 119 14.53 -41.57 -9.77
C PHE C 119 13.77 -42.54 -10.65
N PRO C 120 14.40 -43.64 -11.09
CA PRO C 120 13.64 -44.67 -11.79
C PRO C 120 12.71 -45.39 -10.84
N PRO C 121 11.60 -45.93 -11.34
CA PRO C 121 10.72 -46.74 -10.47
C PRO C 121 11.40 -48.04 -10.06
N SER C 122 11.14 -48.44 -8.81
CA SER C 122 11.74 -49.63 -8.27
C SER C 122 11.06 -50.88 -8.81
N ASP C 123 11.72 -52.02 -8.63
CA ASP C 123 11.15 -53.30 -9.05
C ASP C 123 9.98 -53.72 -8.17
N SER C 124 9.92 -53.24 -6.93
CA SER C 124 8.78 -53.51 -6.07
C SER C 124 7.51 -52.81 -6.56
N GLN C 125 7.67 -51.62 -7.16
CA GLN C 125 6.53 -50.92 -7.74
C GLN C 125 6.15 -51.48 -9.10
N LEU C 126 7.13 -51.99 -9.86
CA LEU C 126 6.86 -52.48 -11.21
C LEU C 126 6.03 -53.75 -11.22
N LYS C 127 6.17 -54.58 -10.18
CA LYS C 127 5.32 -55.76 -10.07
C LYS C 127 3.92 -55.42 -9.56
N SER C 128 3.73 -54.23 -8.99
CA SER C 128 2.42 -53.83 -8.50
C SER C 128 1.47 -53.46 -9.63
N GLY C 129 2.00 -53.03 -10.77
CA GLY C 129 1.19 -52.72 -11.94
C GLY C 129 1.27 -51.30 -12.43
N THR C 130 1.97 -50.40 -11.74
CA THR C 130 2.12 -49.03 -12.18
C THR C 130 3.57 -48.59 -12.00
N ALA C 131 3.97 -47.58 -12.77
CA ALA C 131 5.33 -47.04 -12.71
C ALA C 131 5.25 -45.53 -12.61
N SER C 132 5.88 -44.98 -11.58
CA SER C 132 5.90 -43.54 -11.35
C SER C 132 7.33 -43.07 -11.23
N VAL C 133 7.72 -42.13 -12.09
CA VAL C 133 9.07 -41.59 -12.13
C VAL C 133 9.06 -40.26 -11.38
N VAL C 134 9.97 -40.12 -10.42
CA VAL C 134 10.00 -38.96 -9.52
C VAL C 134 11.25 -38.15 -9.81
N CYS C 135 11.07 -36.86 -10.08
CA CYS C 135 12.16 -35.92 -10.20
C CYS C 135 12.18 -35.01 -8.98
N LEU C 136 13.36 -34.84 -8.41
CA LEU C 136 13.54 -34.04 -7.20
C LEU C 136 14.28 -32.75 -7.55
N LEU C 137 13.75 -31.62 -7.09
CA LEU C 137 14.38 -30.31 -7.21
C LEU C 137 14.77 -29.86 -5.82
N ASN C 138 16.06 -29.93 -5.49
CA ASN C 138 16.53 -29.77 -4.13
C ASN C 138 17.13 -28.38 -3.93
N ASN C 139 16.62 -27.67 -2.91
CA ASN C 139 17.26 -26.47 -2.33
C ASN C 139 17.38 -25.33 -3.33
N PHE C 140 16.27 -24.99 -3.98
CA PHE C 140 16.22 -23.89 -4.93
C PHE C 140 15.44 -22.70 -4.37
N TYR C 141 15.90 -21.51 -4.73
CA TYR C 141 15.22 -20.25 -4.47
C TYR C 141 15.43 -19.39 -5.71
N PRO C 142 14.40 -18.69 -6.20
CA PRO C 142 13.02 -18.59 -5.72
C PRO C 142 12.12 -19.77 -6.09
N ARG C 143 10.83 -19.65 -5.81
CA ARG C 143 9.91 -20.78 -5.90
C ARG C 143 9.62 -21.17 -7.35
N GLU C 144 9.58 -20.21 -8.25
CA GLU C 144 9.08 -20.41 -9.61
C GLU C 144 10.09 -21.22 -10.41
N ALA C 145 9.81 -22.51 -10.57
CA ALA C 145 10.60 -23.41 -11.40
C ALA C 145 9.67 -24.29 -12.22
N LYS C 146 10.07 -24.58 -13.45
CA LYS C 146 9.25 -25.37 -14.37
C LYS C 146 9.94 -26.69 -14.66
N VAL C 147 9.19 -27.78 -14.49
CA VAL C 147 9.67 -29.13 -14.75
C VAL C 147 8.94 -29.66 -15.98
N GLN C 148 9.69 -30.10 -16.98
CA GLN C 148 9.14 -30.70 -18.18
C GLN C 148 9.58 -32.15 -18.27
N TRP C 149 8.65 -33.04 -18.59
CA TRP C 149 8.90 -34.47 -18.66
C TRP C 149 9.01 -34.86 -20.13
N LYS C 150 10.22 -34.85 -20.65
CA LYS C 150 10.47 -35.25 -22.03
C LYS C 150 10.79 -36.74 -22.07
N VAL C 151 9.93 -37.51 -22.74
CA VAL C 151 10.11 -38.95 -22.89
C VAL C 151 10.26 -39.22 -24.38
N ASP C 152 11.47 -39.62 -24.78
CA ASP C 152 11.89 -39.75 -26.19
C ASP C 152 11.60 -38.47 -26.98
N ASN C 153 12.01 -37.34 -26.38
CA ASN C 153 11.84 -35.99 -26.94
C ASN C 153 10.37 -35.65 -27.22
N ALA C 154 9.49 -36.11 -26.34
CA ALA C 154 8.06 -35.81 -26.43
C ALA C 154 7.59 -35.30 -25.08
N LEU C 155 6.95 -34.13 -25.08
CA LEU C 155 6.52 -33.48 -23.84
C LEU C 155 5.30 -34.21 -23.29
N GLN C 156 5.51 -35.05 -22.29
CA GLN C 156 4.43 -35.80 -21.64
C GLN C 156 3.80 -34.93 -20.57
N SER C 157 2.90 -34.06 -21.01
CA SER C 157 2.19 -33.15 -20.12
C SER C 157 0.80 -33.70 -19.80
N GLY C 158 0.19 -33.11 -18.76
CA GLY C 158 -1.15 -33.49 -18.36
C GLY C 158 -1.24 -34.66 -17.41
N ASN C 159 -0.12 -35.30 -17.06
CA ASN C 159 -0.17 -36.46 -16.19
C ASN C 159 0.93 -36.45 -15.13
N SER C 160 1.53 -35.29 -14.85
CA SER C 160 2.56 -35.13 -13.84
C SER C 160 2.05 -34.24 -12.73
N GLN C 161 2.24 -34.67 -11.49
CA GLN C 161 1.81 -33.93 -10.31
C GLN C 161 3.03 -33.44 -9.55
N GLU C 162 3.03 -32.15 -9.22
CA GLU C 162 4.16 -31.51 -8.57
C GLU C 162 3.77 -31.10 -7.15
N SER C 163 4.63 -31.38 -6.19
CA SER C 163 4.44 -30.97 -4.80
C SER C 163 5.63 -30.15 -4.36
N VAL C 164 5.35 -28.99 -3.78
CA VAL C 164 6.39 -28.06 -3.32
C VAL C 164 6.31 -27.98 -1.81
N THR C 165 7.45 -28.12 -1.14
CA THR C 165 7.49 -27.94 0.30
C THR C 165 7.31 -26.48 0.68
N GLU C 166 6.99 -26.26 1.94
CA GLU C 166 7.04 -24.91 2.48
C GLU C 166 8.49 -24.47 2.64
N GLN C 167 8.67 -23.17 2.85
CA GLN C 167 10.02 -22.61 2.87
C GLN C 167 10.74 -23.02 4.15
N ASP C 168 11.98 -23.48 4.00
CA ASP C 168 12.68 -24.17 5.06
C ASP C 168 13.10 -23.19 6.16
N SER C 169 13.19 -23.70 7.38
CA SER C 169 13.56 -22.85 8.51
C SER C 169 15.05 -22.51 8.48
N LYS C 170 15.90 -23.46 8.08
CA LYS C 170 17.34 -23.27 8.17
C LYS C 170 17.87 -22.33 7.09
N ASP C 171 17.67 -22.67 5.82
CA ASP C 171 18.29 -21.94 4.72
C ASP C 171 17.28 -21.22 3.84
N SER C 172 16.01 -21.18 4.25
CA SER C 172 14.94 -20.36 3.62
C SER C 172 14.71 -20.74 2.16
N THR C 173 14.80 -22.03 1.85
CA THR C 173 14.73 -22.49 0.47
C THR C 173 13.56 -23.44 0.28
N TYR C 174 13.27 -23.74 -0.99
CA TYR C 174 12.18 -24.61 -1.39
C TYR C 174 12.69 -25.92 -1.95
N SER C 175 11.83 -26.93 -1.94
CA SER C 175 12.06 -28.19 -2.61
C SER C 175 10.83 -28.58 -3.41
N LEU C 176 11.05 -29.22 -4.55
CA LEU C 176 9.98 -29.63 -5.45
C LEU C 176 10.15 -31.10 -5.80
N SER C 177 9.02 -31.78 -5.96
CA SER C 177 8.99 -33.20 -6.33
C SER C 177 7.94 -33.37 -7.43
N SER C 178 8.40 -33.67 -8.64
CA SER C 178 7.52 -33.91 -9.77
C SER C 178 7.46 -35.41 -10.04
N THR C 179 6.26 -35.97 -9.97
CA THR C 179 6.04 -37.39 -10.16
C THR C 179 5.27 -37.62 -11.46
N LEU C 180 5.86 -38.38 -12.38
CA LEU C 180 5.24 -38.73 -13.65
C LEU C 180 4.72 -40.16 -13.52
N THR C 181 3.41 -40.31 -13.40
CA THR C 181 2.79 -41.61 -13.16
C THR C 181 2.31 -42.20 -14.49
N LEU C 182 2.68 -43.46 -14.72
CA LEU C 182 2.31 -44.16 -15.94
C LEU C 182 1.90 -45.59 -15.60
N SER C 183 1.16 -46.20 -16.51
CA SER C 183 0.95 -47.65 -16.43
C SER C 183 2.22 -48.37 -16.88
N LYS C 184 2.34 -49.64 -16.48
CA LYS C 184 3.50 -50.43 -16.83
C LYS C 184 3.57 -50.70 -18.33
N ALA C 185 2.42 -50.85 -18.98
CA ALA C 185 2.39 -51.03 -20.43
C ALA C 185 2.86 -49.76 -21.15
N ASP C 186 2.51 -48.60 -20.61
CA ASP C 186 3.02 -47.35 -21.17
C ASP C 186 4.47 -47.09 -20.76
N TYR C 187 4.89 -47.63 -19.61
CA TYR C 187 6.26 -47.41 -19.16
C TYR C 187 7.26 -48.23 -19.97
N GLU C 188 6.90 -49.46 -20.32
CA GLU C 188 7.80 -50.32 -21.08
C GLU C 188 7.85 -49.97 -22.57
N LYS C 189 6.92 -49.15 -23.05
CA LYS C 189 6.90 -48.79 -24.46
C LYS C 189 8.05 -47.85 -24.83
N HIS C 190 8.52 -47.05 -23.88
CA HIS C 190 9.60 -46.10 -24.11
C HIS C 190 10.86 -46.52 -23.37
N LYS C 191 11.97 -45.90 -23.75
CA LYS C 191 13.27 -46.27 -23.21
C LYS C 191 13.95 -45.15 -22.43
N VAL C 192 13.94 -43.93 -22.96
CA VAL C 192 14.67 -42.81 -22.37
C VAL C 192 13.67 -41.88 -21.70
N TYR C 193 13.84 -41.66 -20.39
CA TYR C 193 12.99 -40.78 -19.61
C TYR C 193 13.84 -39.65 -19.06
N ALA C 194 13.44 -38.42 -19.33
CA ALA C 194 14.23 -37.25 -18.98
C ALA C 194 13.39 -36.28 -18.16
N CYS C 195 14.08 -35.46 -17.36
CA CYS C 195 13.47 -34.45 -16.50
C CYS C 195 14.18 -33.13 -16.77
N GLU C 196 13.55 -32.28 -17.56
CA GLU C 196 14.13 -30.98 -17.92
C GLU C 196 13.62 -29.93 -16.96
N VAL C 197 14.53 -29.24 -16.29
CA VAL C 197 14.21 -28.30 -15.23
C VAL C 197 14.72 -26.93 -15.63
N THR C 198 13.83 -25.95 -15.70
CA THR C 198 14.19 -24.56 -15.98
C THR C 198 13.95 -23.74 -14.72
N HIS C 199 14.93 -22.92 -14.37
CA HIS C 199 14.85 -22.03 -13.22
C HIS C 199 15.45 -20.69 -13.60
N GLN C 200 15.09 -19.65 -12.84
CA GLN C 200 15.63 -18.33 -13.10
C GLN C 200 17.11 -18.23 -12.78
N GLY C 201 17.63 -19.08 -11.89
CA GLY C 201 19.04 -19.16 -11.59
C GLY C 201 19.83 -20.11 -12.45
N LEU C 202 19.24 -20.62 -13.53
CA LEU C 202 19.91 -21.55 -14.43
C LEU C 202 20.02 -20.91 -15.81
N SER C 203 21.22 -20.94 -16.38
CA SER C 203 21.42 -20.40 -17.73
C SER C 203 20.82 -21.32 -18.78
N SER C 204 21.14 -22.61 -18.71
CA SER C 204 20.56 -23.64 -19.54
C SER C 204 19.75 -24.59 -18.68
N PRO C 205 18.67 -25.17 -19.22
CA PRO C 205 17.88 -26.12 -18.42
C PRO C 205 18.65 -27.41 -18.15
N VAL C 206 18.51 -27.91 -16.93
CA VAL C 206 19.19 -29.13 -16.51
C VAL C 206 18.29 -30.30 -16.87
N THR C 207 18.83 -31.23 -17.65
CA THR C 207 18.08 -32.39 -18.13
C THR C 207 18.72 -33.64 -17.53
N LYS C 208 18.27 -34.00 -16.33
CA LYS C 208 18.66 -35.26 -15.72
C LYS C 208 17.79 -36.38 -16.28
N SER C 209 18.43 -37.42 -16.81
CA SER C 209 17.74 -38.45 -17.55
C SER C 209 18.27 -39.83 -17.15
N PHE C 210 17.51 -40.85 -17.52
CA PHE C 210 17.94 -42.23 -17.34
C PHE C 210 17.33 -43.07 -18.45
N ASN C 211 17.89 -44.26 -18.61
CA ASN C 211 17.39 -45.25 -19.56
C ASN C 211 17.10 -46.57 -18.85
N ARG C 212 16.24 -47.37 -19.45
CA ARG C 212 15.89 -48.66 -18.86
C ARG C 212 17.00 -49.69 -19.04
N ASN D 48 8.87 65.37 -8.45
CA ASN D 48 9.32 65.59 -7.07
C ASN D 48 8.14 65.80 -6.14
N VAL D 49 7.22 66.70 -6.54
CA VAL D 49 6.01 66.91 -5.77
C VAL D 49 4.89 65.96 -6.17
N THR D 50 5.04 65.24 -7.28
CA THR D 50 4.09 64.18 -7.62
C THR D 50 4.13 63.08 -6.57
N TYR D 51 5.34 62.62 -6.20
CA TYR D 51 5.50 61.52 -5.26
C TYR D 51 5.00 61.91 -3.87
N ILE D 52 5.22 63.18 -3.48
CA ILE D 52 4.91 63.64 -2.14
C ILE D 52 3.41 63.58 -1.87
N THR D 53 2.60 64.05 -2.83
CA THR D 53 1.18 64.11 -2.56
C THR D 53 0.51 62.78 -2.85
N MET D 54 1.16 61.94 -3.67
CA MET D 54 0.65 60.59 -3.90
C MET D 54 0.92 59.73 -2.70
N GLU D 55 1.98 60.04 -1.94
CA GLU D 55 2.24 59.21 -0.79
C GLU D 55 1.55 59.78 0.42
N ILE D 56 1.18 61.07 0.39
CA ILE D 56 0.34 61.62 1.44
C ILE D 56 -1.03 60.99 1.31
N PHE D 57 -1.46 60.76 0.06
CA PHE D 57 -2.76 60.16 -0.21
C PHE D 57 -2.76 58.71 0.23
N ILE D 58 -1.77 57.92 -0.25
CA ILE D 58 -1.62 56.51 0.13
C ILE D 58 -1.56 56.37 1.65
N GLY D 59 -0.72 57.18 2.30
CA GLY D 59 -0.56 57.14 3.75
C GLY D 59 -1.87 57.39 4.48
N LEU D 60 -2.58 58.47 4.12
CA LEU D 60 -3.80 58.83 4.83
C LEU D 60 -4.87 57.78 4.64
N CYS D 61 -4.98 57.25 3.41
CA CYS D 61 -6.02 56.26 3.12
C CYS D 61 -5.71 54.98 3.89
N ALA D 62 -4.43 54.63 4.00
CA ALA D 62 -4.04 53.40 4.65
C ALA D 62 -4.27 53.48 6.15
N ILE D 63 -3.89 54.60 6.77
CA ILE D 63 -4.07 54.77 8.20
C ILE D 63 -5.55 54.78 8.58
N VAL D 64 -6.35 55.65 7.92
CA VAL D 64 -7.77 55.76 8.23
C VAL D 64 -8.50 54.45 7.95
N GLY D 65 -8.24 53.85 6.78
CA GLY D 65 -8.87 52.59 6.42
C GLY D 65 -8.57 51.46 7.39
N ASN D 66 -7.29 51.26 7.73
CA ASN D 66 -6.97 50.14 8.59
C ASN D 66 -7.36 50.38 10.05
N VAL D 67 -7.36 51.63 10.54
CA VAL D 67 -7.92 51.82 11.89
C VAL D 67 -9.44 51.61 11.86
N LEU D 68 -10.09 51.91 10.72
CA LEU D 68 -11.50 51.56 10.55
C LEU D 68 -11.69 50.05 10.59
N VAL D 69 -10.80 49.30 9.94
CA VAL D 69 -10.85 47.83 9.94
C VAL D 69 -10.71 47.30 11.36
N ILE D 70 -9.76 47.84 12.13
CA ILE D 70 -9.58 47.46 13.54
C ILE D 70 -10.85 47.74 14.35
N CYS D 71 -11.47 48.91 14.15
CA CYS D 71 -12.72 49.24 14.82
C CYS D 71 -13.85 48.28 14.44
N VAL D 72 -14.00 47.98 13.15
CA VAL D 72 -15.04 47.06 12.68
C VAL D 72 -14.86 45.67 13.28
N VAL D 73 -13.61 45.18 13.33
CA VAL D 73 -13.34 43.87 13.95
C VAL D 73 -13.67 43.90 15.44
N LYS D 74 -13.30 44.97 16.14
CA LYS D 74 -13.52 45.04 17.58
C LYS D 74 -14.99 45.13 17.94
N LEU D 75 -15.73 46.04 17.28
CA LEU D 75 -17.16 46.23 17.57
C LEU D 75 -17.98 44.99 17.24
N ASN D 76 -17.82 44.44 16.05
CA ASN D 76 -18.58 43.27 15.61
C ASN D 76 -18.13 42.01 16.33
N PRO D 77 -18.97 41.40 17.18
CA PRO D 77 -18.51 40.26 17.98
C PRO D 77 -18.33 38.98 17.19
N SER D 78 -18.90 38.88 15.98
CA SER D 78 -18.78 37.65 15.21
C SER D 78 -17.44 37.53 14.50
N LEU D 79 -16.78 38.66 14.23
CA LEU D 79 -15.47 38.66 13.58
C LEU D 79 -14.36 38.71 14.63
N GLN D 80 -14.37 37.72 15.51
CA GLN D 80 -13.41 37.66 16.62
C GLN D 80 -12.81 36.26 16.72
N THR D 81 -12.33 35.76 15.60
CA THR D 81 -11.63 34.48 15.55
C THR D 81 -10.13 34.72 15.44
N THR D 82 -9.37 33.63 15.26
CA THR D 82 -7.93 33.73 15.13
C THR D 82 -7.52 34.38 13.81
N THR D 83 -8.26 34.06 12.74
CA THR D 83 -7.98 34.64 11.43
C THR D 83 -8.17 36.16 11.44
N PHE D 84 -9.26 36.63 12.06
CA PHE D 84 -9.46 38.06 12.17
C PHE D 84 -8.48 38.70 13.14
N TYR D 85 -7.95 37.95 14.11
CA TYR D 85 -6.86 38.46 14.94
C TYR D 85 -5.62 38.72 14.10
N PHE D 86 -5.30 37.80 13.19
CA PHE D 86 -4.18 38.05 12.28
C PHE D 86 -4.51 39.18 11.29
N ILE D 87 -5.79 39.37 10.98
CA ILE D 87 -6.20 40.52 10.18
C ILE D 87 -5.95 41.83 10.94
N VAL D 88 -6.19 41.83 12.25
CA VAL D 88 -5.84 42.98 13.10
C VAL D 88 -4.33 43.20 13.09
N SER D 89 -3.53 42.13 13.15
CA SER D 89 -2.08 42.23 13.04
C SER D 89 -1.65 42.88 11.73
N LEU D 90 -2.23 42.41 10.61
CA LEU D 90 -1.97 42.99 9.29
C LEU D 90 -2.38 44.45 9.23
N ALA D 91 -3.52 44.79 9.84
CA ALA D 91 -4.00 46.17 9.88
C ALA D 91 -3.07 47.06 10.67
N LEU D 92 -2.59 46.59 11.83
CA LEU D 92 -1.65 47.35 12.65
C LEU D 92 -0.36 47.63 11.88
N ALA D 93 0.17 46.60 11.21
CA ALA D 93 1.36 46.78 10.37
C ALA D 93 1.10 47.77 9.24
N ASP D 94 -0.09 47.73 8.66
CA ASP D 94 -0.48 48.64 7.58
C ASP D 94 -0.55 50.09 8.07
N ILE D 95 -1.14 50.30 9.25
CA ILE D 95 -1.15 51.61 9.90
C ILE D 95 0.27 52.13 10.10
N ALA D 96 1.15 51.26 10.62
CA ALA D 96 2.55 51.62 10.83
C ALA D 96 3.24 52.02 9.53
N VAL D 97 3.01 51.26 8.45
CA VAL D 97 3.54 51.59 7.12
C VAL D 97 3.08 52.98 6.68
N GLY D 98 1.80 53.31 6.89
CA GLY D 98 1.32 54.64 6.51
C GLY D 98 1.94 55.76 7.35
N VAL D 99 1.98 55.54 8.69
CA VAL D 99 2.54 56.49 9.66
C VAL D 99 3.98 56.82 9.31
N LEU D 100 4.74 55.86 8.79
CA LEU D 100 6.12 56.21 8.47
C LEU D 100 6.40 56.41 6.99
N VAL D 101 5.45 56.12 6.09
CA VAL D 101 5.68 56.53 4.71
C VAL D 101 5.49 58.03 4.58
N MET D 102 4.52 58.60 5.33
CA MET D 102 4.28 60.05 5.33
C MET D 102 5.52 60.93 5.53
N PRO D 103 6.39 60.74 6.59
CA PRO D 103 7.59 61.58 6.66
C PRO D 103 8.66 61.23 5.63
N LEU D 104 8.95 59.92 5.53
CA LEU D 104 10.07 59.38 4.76
C LEU D 104 10.10 59.87 3.32
N ALA D 105 8.94 59.86 2.64
CA ALA D 105 8.83 60.27 1.24
C ALA D 105 9.33 61.71 1.03
N ILE D 106 8.80 62.66 1.80
CA ILE D 106 9.20 64.05 1.63
C ILE D 106 10.63 64.27 2.13
N VAL D 107 11.02 63.63 3.24
CA VAL D 107 12.38 63.72 3.79
C VAL D 107 13.42 63.32 2.74
N VAL D 108 13.26 62.14 2.13
CA VAL D 108 14.15 61.71 1.05
C VAL D 108 14.03 62.65 -0.16
N SER D 109 12.81 63.06 -0.49
CA SER D 109 12.58 63.97 -1.61
C SER D 109 13.24 65.33 -1.39
N LEU D 110 13.14 65.88 -0.18
CA LEU D 110 13.82 67.15 0.10
C LEU D 110 15.31 66.97 0.38
N GLY D 111 15.78 65.74 0.53
CA GLY D 111 17.19 65.48 0.83
C GLY D 111 17.67 66.06 2.14
N ILE D 112 16.80 66.10 3.16
CA ILE D 112 17.21 66.52 4.49
C ILE D 112 18.27 65.58 5.04
N THR D 113 19.39 66.14 5.47
CA THR D 113 20.52 65.35 5.95
C THR D 113 20.20 64.87 7.36
N ILE D 114 19.86 63.59 7.48
CA ILE D 114 19.81 62.92 8.76
C ILE D 114 21.00 61.97 8.87
N HIS D 115 21.22 61.46 10.08
CA HIS D 115 22.32 60.53 10.34
C HIS D 115 22.11 59.23 9.56
N PHE D 116 23.23 58.63 9.14
CA PHE D 116 23.26 57.37 8.39
C PHE D 116 22.46 56.27 9.10
N TYR D 117 22.76 56.05 10.38
CA TYR D 117 22.03 55.06 11.18
C TYR D 117 20.55 55.40 11.32
N SER D 118 20.21 56.70 11.37
CA SER D 118 18.80 57.09 11.46
C SER D 118 18.03 56.73 10.19
N CYS D 119 18.60 57.02 9.02
CA CYS D 119 18.00 56.64 7.76
C CYS D 119 17.90 55.13 7.63
N LEU D 120 18.95 54.42 8.07
CA LEU D 120 18.92 52.96 8.14
C LEU D 120 17.81 52.46 9.03
N PHE D 121 17.62 53.12 10.19
CA PHE D 121 16.53 52.78 11.12
C PHE D 121 15.17 52.94 10.45
N MET D 122 14.98 54.06 9.74
CA MET D 122 13.71 54.32 9.04
C MET D 122 13.42 53.24 8.00
N THR D 123 14.41 52.93 7.16
CA THR D 123 14.23 51.93 6.12
C THR D 123 14.02 50.53 6.69
N CYS D 124 14.82 50.15 7.70
CA CYS D 124 14.67 48.83 8.32
C CYS D 124 13.35 48.69 9.06
N LEU D 125 12.87 49.78 9.69
CA LEU D 125 11.55 49.80 10.29
C LEU D 125 10.47 49.54 9.23
N LEU D 126 10.58 50.21 8.08
CA LEU D 126 9.69 49.92 6.95
C LEU D 126 9.75 48.45 6.54
N LEU D 127 10.95 47.85 6.55
CA LEU D 127 11.04 46.42 6.28
C LEU D 127 10.46 45.54 7.38
N ILE D 128 10.54 45.93 8.66
CA ILE D 128 9.96 45.05 9.70
C ILE D 128 8.45 45.04 9.57
N PHE D 129 7.83 46.20 9.29
CA PHE D 129 6.39 46.21 9.03
C PHE D 129 6.00 45.47 7.75
N THR D 130 6.78 45.62 6.67
CA THR D 130 6.49 44.89 5.42
C THR D 130 6.54 43.38 5.64
N HIS D 131 7.59 42.90 6.31
CA HIS D 131 7.72 41.46 6.51
C HIS D 131 6.72 40.98 7.55
N ALA D 132 6.34 41.84 8.51
CA ALA D 132 5.22 41.55 9.40
C ALA D 132 3.94 41.28 8.61
N ARG D 133 3.69 42.08 7.57
CA ARG D 133 2.55 41.84 6.69
C ARG D 133 2.64 40.48 6.01
N ILE D 134 3.84 40.12 5.50
CA ILE D 134 3.97 38.83 4.82
C ILE D 134 3.78 37.68 5.80
N MET D 135 4.36 37.82 7.00
CA MET D 135 4.28 36.76 8.01
C MET D 135 2.85 36.61 8.53
N SER D 136 2.13 37.73 8.69
CA SER D 136 0.73 37.68 9.08
C SER D 136 -0.12 37.01 8.01
N LEU D 137 0.16 37.29 6.73
CA LEU D 137 -0.56 36.61 5.65
C LEU D 137 -0.27 35.10 5.66
N LEU D 138 0.98 34.72 5.93
CA LEU D 138 1.34 33.31 6.07
C LEU D 138 0.60 32.68 7.25
N ALA D 139 0.46 33.42 8.35
CA ALA D 139 -0.32 32.95 9.50
C ALA D 139 -1.77 32.70 9.14
N ILE D 140 -2.38 33.64 8.39
CA ILE D 140 -3.75 33.47 7.89
C ILE D 140 -3.87 32.21 7.03
N ALA D 141 -2.90 32.01 6.13
CA ALA D 141 -2.92 30.84 5.24
C ALA D 141 -2.80 29.53 6.01
N VAL D 142 -1.89 29.49 7.00
CA VAL D 142 -1.71 28.30 7.83
C VAL D 142 -2.97 28.02 8.65
N ASP D 143 -3.53 29.06 9.26
CA ASP D 143 -4.81 28.97 9.99
C ASP D 143 -5.92 28.40 9.12
N ARG D 144 -6.08 28.93 7.91
CA ARG D 144 -7.11 28.47 6.98
C ARG D 144 -6.90 27.01 6.59
N TYR D 145 -5.65 26.65 6.24
CA TYR D 145 -5.32 25.28 5.87
C TYR D 145 -5.60 24.31 7.01
N LEU D 146 -5.22 24.67 8.23
CA LEU D 146 -5.52 23.85 9.41
C LEU D 146 -7.02 23.72 9.63
N ARG D 147 -7.77 24.82 9.44
CA ARG D 147 -9.22 24.79 9.61
C ARG D 147 -9.90 23.83 8.62
N VAL D 148 -9.48 23.87 7.36
CA VAL D 148 -10.11 22.98 6.37
C VAL D 148 -9.63 21.54 6.55
N LYS D 149 -8.33 21.35 6.82
CA LYS D 149 -7.77 20.00 6.97
C LYS D 149 -8.27 19.34 8.25
N LEU D 150 -8.23 20.06 9.36
CA LEU D 150 -8.60 19.53 10.68
C LEU D 150 -9.84 20.28 11.17
N THR D 151 -11.01 19.70 10.89
CA THR D 151 -12.28 20.36 11.19
C THR D 151 -12.49 20.57 12.69
N VAL D 152 -12.05 19.63 13.54
CA VAL D 152 -12.30 19.68 14.97
C VAL D 152 -11.00 19.81 15.77
N ARG D 153 -9.95 19.09 15.35
CA ARG D 153 -8.66 19.08 16.04
C ARG D 153 -8.04 20.47 16.15
N TYR D 154 -8.01 21.21 15.04
CA TYR D 154 -7.47 22.57 14.97
C TYR D 154 -8.05 23.48 16.05
N LYS D 155 -9.37 23.43 16.25
CA LYS D 155 -10.03 24.30 17.22
C LYS D 155 -9.57 24.03 18.65
N ARG D 156 -9.59 22.77 19.07
CA ARG D 156 -9.19 22.43 20.44
C ARG D 156 -7.69 22.65 20.65
N VAL D 157 -6.86 22.31 19.66
CA VAL D 157 -5.41 22.46 19.80
C VAL D 157 -5.02 23.94 19.93
N THR D 158 -5.54 24.78 19.03
CA THR D 158 -5.16 26.20 19.01
C THR D 158 -5.90 26.93 20.12
N THR D 159 -5.27 27.00 21.29
CA THR D 159 -5.81 27.77 22.40
C THR D 159 -5.55 29.25 22.20
N HIS D 160 -6.31 30.07 22.92
CA HIS D 160 -6.20 31.53 22.85
C HIS D 160 -4.78 32.01 23.20
N ARG D 161 -4.20 31.45 24.26
CA ARG D 161 -2.82 31.75 24.62
C ARG D 161 -1.85 31.29 23.54
N ARG D 162 -2.12 30.13 22.92
CA ARG D 162 -1.32 29.67 21.80
C ARG D 162 -1.40 30.62 20.60
N ILE D 163 -2.57 31.25 20.38
CA ILE D 163 -2.67 32.24 19.31
C ILE D 163 -1.88 33.51 19.64
N TRP D 164 -1.85 33.90 20.93
CA TRP D 164 -0.96 35.01 21.30
C TRP D 164 0.50 34.63 21.16
N LEU D 165 0.85 33.37 21.46
CA LEU D 165 2.21 32.88 21.26
C LEU D 165 2.59 32.92 19.77
N ALA D 166 1.68 32.49 18.90
CA ALA D 166 1.92 32.51 17.46
C ALA D 166 2.09 33.93 16.94
N LEU D 167 1.25 34.86 17.41
CA LEU D 167 1.37 36.27 17.00
C LEU D 167 2.69 36.88 17.48
N GLY D 168 3.08 36.58 18.73
CA GLY D 168 4.37 37.04 19.24
C GLY D 168 5.53 36.49 18.45
N LEU D 169 5.48 35.20 18.09
CA LEU D 169 6.49 34.59 17.25
C LEU D 169 6.53 35.23 15.87
N CYS D 170 5.36 35.52 15.30
CA CYS D 170 5.22 36.19 14.01
C CYS D 170 5.95 37.53 13.99
N TRP D 171 5.58 38.42 14.92
CA TRP D 171 6.22 39.73 14.94
C TRP D 171 7.68 39.67 15.41
N LEU D 172 8.04 38.65 16.21
CA LEU D 172 9.44 38.42 16.55
C LEU D 172 10.28 38.12 15.32
N VAL D 173 9.83 37.16 14.50
CA VAL D 173 10.49 36.83 13.23
C VAL D 173 10.59 38.06 12.33
N SER D 174 9.50 38.83 12.23
CA SER D 174 9.50 40.06 11.42
C SER D 174 10.55 41.05 11.92
N PHE D 175 10.62 41.25 13.25
CA PHE D 175 11.60 42.15 13.86
C PHE D 175 13.02 41.72 13.54
N LEU D 176 13.34 40.42 13.76
CA LEU D 176 14.68 39.91 13.48
C LEU D 176 15.06 40.04 12.01
N VAL D 177 14.16 39.64 11.11
CA VAL D 177 14.45 39.67 9.66
C VAL D 177 14.66 41.10 9.18
N GLY D 178 13.71 41.99 9.48
CA GLY D 178 13.80 43.35 8.98
C GLY D 178 14.97 44.17 9.51
N LEU D 179 15.39 43.91 10.76
CA LEU D 179 16.47 44.67 11.37
C LEU D 179 17.85 44.08 11.14
N THR D 180 17.92 42.99 10.37
CA THR D 180 19.18 42.39 9.97
C THR D 180 20.18 43.35 9.28
N PRO D 181 19.79 44.28 8.36
CA PRO D 181 20.77 45.29 7.90
C PRO D 181 21.38 46.12 9.01
N MET D 182 20.60 46.50 10.02
CA MET D 182 21.12 47.25 11.15
C MET D 182 22.13 46.45 11.96
N PHE D 183 22.05 45.12 11.92
CA PHE D 183 23.02 44.25 12.58
C PHE D 183 24.19 43.92 11.65
N GLY D 184 24.92 44.97 11.25
CA GLY D 184 26.13 44.86 10.46
C GLY D 184 25.98 44.35 9.03
N TRP D 185 24.78 44.30 8.46
CA TRP D 185 24.61 43.94 7.07
C TRP D 185 24.35 45.19 6.21
N ASN D 186 24.68 46.36 6.74
CA ASN D 186 24.49 47.63 6.04
C ASN D 186 25.67 47.91 5.11
N MET D 187 25.71 49.12 4.56
CA MET D 187 26.80 49.54 3.68
C MET D 187 28.16 49.63 4.37
N LYS D 188 28.22 49.76 5.70
CA LYS D 188 29.49 49.78 6.39
C LYS D 188 30.18 48.41 6.41
N LEU D 189 29.46 47.33 6.09
CA LEU D 189 30.01 45.98 6.14
C LEU D 189 31.14 45.79 5.13
N THR D 190 30.85 45.97 3.86
CA THR D 190 31.79 45.67 2.79
C THR D 190 32.30 46.91 2.05
N SER D 191 31.41 47.85 1.74
CA SER D 191 31.80 49.04 0.98
C SER D 191 32.74 49.93 1.79
N GLU D 192 33.87 50.30 1.17
CA GLU D 192 34.89 51.08 1.85
C GLU D 192 34.53 52.57 1.90
N TYR D 193 34.06 53.11 0.77
CA TYR D 193 33.62 54.50 0.73
C TYR D 193 32.44 54.74 1.67
N HIS D 194 31.49 53.81 1.70
CA HIS D 194 30.30 53.94 2.52
C HIS D 194 30.49 53.49 3.96
N ARG D 195 31.74 53.27 4.42
CA ARG D 195 31.96 52.82 5.78
C ARG D 195 32.26 53.94 6.76
N ALA D 196 32.63 55.13 6.28
CA ALA D 196 32.96 56.26 7.14
C ALA D 196 32.00 57.42 6.99
N VAL D 197 31.07 57.35 6.03
CA VAL D 197 30.10 58.41 5.77
C VAL D 197 29.17 58.61 6.96
N THR D 198 28.99 59.87 7.36
CA THR D 198 28.14 60.24 8.47
C THR D 198 27.43 61.55 8.14
N PHE D 199 26.13 61.62 8.49
CA PHE D 199 25.23 62.75 8.22
C PHE D 199 25.12 63.09 6.73
N LEU D 200 24.68 62.10 5.97
CA LEU D 200 24.45 62.24 4.54
C LEU D 200 22.96 62.37 4.22
N SER D 201 22.66 62.67 2.96
CA SER D 201 21.27 62.74 2.51
C SER D 201 20.70 61.33 2.40
N CYS D 202 19.57 61.10 3.08
CA CYS D 202 18.97 59.77 3.16
C CYS D 202 18.41 59.34 1.81
N GLN D 203 19.10 58.41 1.16
CA GLN D 203 18.68 57.79 -0.09
C GLN D 203 18.72 56.28 0.07
N PHE D 204 17.89 55.61 -0.74
CA PHE D 204 17.81 54.15 -0.66
C PHE D 204 19.08 53.47 -1.14
N VAL D 205 19.72 54.02 -2.18
CA VAL D 205 20.98 53.46 -2.68
C VAL D 205 22.10 53.69 -1.67
N SER D 206 22.04 54.79 -0.93
CA SER D 206 23.13 55.17 -0.04
C SER D 206 23.16 54.34 1.22
N VAL D 207 22.03 53.79 1.66
CA VAL D 207 22.00 53.17 2.98
C VAL D 207 21.62 51.68 2.91
N MET D 208 20.88 51.27 1.89
CA MET D 208 20.32 49.91 1.86
C MET D 208 21.08 49.03 0.88
N ARG D 209 21.52 47.87 1.37
CA ARG D 209 22.26 46.90 0.57
C ARG D 209 21.31 46.20 -0.38
N MET D 210 21.41 46.52 -1.68
CA MET D 210 20.56 45.91 -2.69
C MET D 210 20.78 44.40 -2.79
N ASP D 211 22.02 43.95 -2.54
CA ASP D 211 22.34 42.53 -2.42
C ASP D 211 21.42 41.82 -1.44
N TYR D 212 21.27 42.41 -0.24
CA TYR D 212 20.32 41.91 0.76
C TYR D 212 18.90 41.89 0.21
N MET D 213 18.48 42.98 -0.43
CA MET D 213 17.12 43.13 -0.94
C MET D 213 16.76 42.04 -1.94
N VAL D 214 17.65 41.76 -2.89
CA VAL D 214 17.35 40.75 -3.92
C VAL D 214 17.41 39.35 -3.33
N TYR D 215 18.47 39.03 -2.57
CA TYR D 215 18.65 37.65 -2.12
C TYR D 215 17.99 37.34 -0.79
N PHE D 216 18.26 38.12 0.27
CA PHE D 216 17.73 37.74 1.57
C PHE D 216 16.27 38.17 1.71
N SER D 217 15.97 39.43 1.41
CA SER D 217 14.60 39.94 1.55
C SER D 217 13.64 39.24 0.59
N PHE D 218 13.96 39.24 -0.70
CA PHE D 218 13.01 38.76 -1.70
C PHE D 218 12.97 37.24 -1.79
N LEU D 219 14.11 36.59 -2.06
CA LEU D 219 14.10 35.16 -2.33
C LEU D 219 13.75 34.34 -1.09
N THR D 220 14.39 34.64 0.04
CA THR D 220 14.16 33.82 1.22
C THR D 220 12.84 34.15 1.90
N TRP D 221 12.51 35.44 2.04
CA TRP D 221 11.37 35.89 2.83
C TRP D 221 10.16 36.36 2.04
N ILE D 222 10.33 36.99 0.88
CA ILE D 222 9.16 37.29 0.05
C ILE D 222 8.77 36.10 -0.82
N PHE D 223 9.74 35.54 -1.57
CA PHE D 223 9.41 34.54 -2.59
C PHE D 223 8.96 33.20 -2.00
N ILE D 224 9.77 32.63 -1.09
CA ILE D 224 9.43 31.31 -0.52
C ILE D 224 8.11 31.29 0.25
N PRO D 225 7.83 32.22 1.22
CA PRO D 225 6.46 32.25 1.79
C PRO D 225 5.33 32.45 0.79
N LEU D 226 5.48 33.28 -0.26
CA LEU D 226 4.40 33.38 -1.24
C LEU D 226 4.23 32.09 -2.04
N VAL D 227 5.32 31.37 -2.31
CA VAL D 227 5.20 30.09 -3.00
C VAL D 227 4.47 29.08 -2.12
N VAL D 228 4.89 29.00 -0.84
CA VAL D 228 4.25 28.13 0.14
C VAL D 228 2.77 28.49 0.31
N MET D 229 2.48 29.78 0.47
CA MET D 229 1.12 30.28 0.64
C MET D 229 0.24 29.96 -0.58
N CYS D 230 0.77 30.18 -1.79
CA CYS D 230 0.02 29.87 -3.01
C CYS D 230 -0.26 28.38 -3.12
N ALA D 231 0.74 27.55 -2.77
CA ALA D 231 0.53 26.10 -2.73
C ALA D 231 -0.54 25.72 -1.72
N ILE D 232 -0.52 26.35 -0.54
CA ILE D 232 -1.52 26.14 0.50
C ILE D 232 -2.91 26.49 -0.01
N TYR D 233 -3.05 27.66 -0.64
CA TYR D 233 -4.35 28.10 -1.15
C TYR D 233 -4.87 27.20 -2.27
N LEU D 234 -3.99 26.76 -3.18
CA LEU D 234 -4.41 25.81 -4.21
C LEU D 234 -4.82 24.47 -3.59
N ASP D 235 -4.09 24.03 -2.55
CA ASP D 235 -4.46 22.82 -1.82
C ASP D 235 -5.83 22.96 -1.17
N ILE D 236 -6.12 24.12 -0.58
CA ILE D 236 -7.44 24.40 0.00
C ILE D 236 -8.51 24.39 -1.07
N PHE D 237 -8.24 25.01 -2.21
CA PHE D 237 -9.18 25.03 -3.33
C PHE D 237 -9.36 23.65 -3.97
N TYR D 238 -8.44 22.73 -3.72
CA TYR D 238 -8.60 21.35 -4.19
C TYR D 238 -9.37 20.50 -3.19
N ILE D 239 -8.98 20.58 -1.91
CA ILE D 239 -9.65 19.84 -0.83
C ILE D 239 -11.12 20.24 -0.71
N ILE D 240 -11.44 21.53 -0.84
CA ILE D 240 -12.83 21.96 -0.70
C ILE D 240 -13.66 21.50 -1.90
N ARG D 241 -13.13 21.63 -3.12
CA ARG D 241 -13.87 21.16 -4.30
C ARG D 241 -13.95 19.64 -4.36
N ASN D 242 -13.05 18.92 -3.71
CA ASN D 242 -13.25 17.49 -3.55
C ASN D 242 -14.31 17.20 -2.51
N LYS D 243 -14.35 18.00 -1.44
CA LYS D 243 -15.37 17.84 -0.41
C LYS D 243 -16.74 18.33 -0.89
N LEU D 244 -16.77 19.29 -1.80
CA LEU D 244 -18.03 19.67 -2.44
C LEU D 244 -18.46 18.69 -3.52
N ALA D 245 -17.55 17.85 -4.01
CA ALA D 245 -17.92 16.89 -5.05
C ALA D 245 -18.45 15.60 -4.45
N ASP D 246 -17.72 15.05 -3.46
CA ASP D 246 -18.11 13.77 -2.87
C ASP D 246 -19.40 13.88 -2.06
N LEU D 247 -19.56 14.95 -1.28
CA LEU D 247 -20.83 15.27 -0.64
C LEU D 247 -21.96 15.44 -1.66
N GLU D 248 -21.65 16.02 -2.82
CA GLU D 248 -22.62 15.98 -3.92
C GLU D 248 -22.74 14.57 -4.52
N ASP D 249 -21.65 13.81 -4.55
CA ASP D 249 -21.71 12.48 -5.14
C ASP D 249 -22.40 11.49 -4.22
N ASN D 250 -22.18 11.62 -2.91
CA ASN D 250 -22.91 10.77 -1.96
C ASN D 250 -24.38 11.13 -1.90
N TRP D 251 -24.72 12.41 -2.10
CA TRP D 251 -26.12 12.80 -2.17
C TRP D 251 -26.76 12.36 -3.47
N GLU D 252 -26.01 12.35 -4.57
CA GLU D 252 -26.58 11.97 -5.86
C GLU D 252 -26.88 10.48 -5.92
N THR D 253 -26.00 9.65 -5.35
CA THR D 253 -26.26 8.22 -5.30
C THR D 253 -27.37 7.88 -4.30
N LEU D 254 -27.53 8.68 -3.25
CA LEU D 254 -28.66 8.50 -2.36
C LEU D 254 -29.97 8.99 -2.97
N ASN D 255 -29.90 9.79 -4.04
CA ASN D 255 -31.09 10.20 -4.78
C ASN D 255 -31.35 9.36 -6.02
N ASP D 256 -30.30 8.93 -6.72
CA ASP D 256 -30.50 8.15 -7.94
C ASP D 256 -31.00 6.74 -7.61
N ASN D 257 -30.39 6.09 -6.62
CA ASN D 257 -30.78 4.73 -6.27
C ASN D 257 -32.15 4.68 -5.59
N LEU D 258 -32.59 5.77 -4.98
CA LEU D 258 -33.98 5.86 -4.52
C LEU D 258 -34.96 5.80 -5.68
N LYS D 259 -34.55 6.19 -6.88
CA LYS D 259 -35.44 6.22 -8.03
C LYS D 259 -35.28 4.96 -8.85
N VAL D 260 -34.14 4.27 -8.70
CA VAL D 260 -33.94 2.97 -9.33
C VAL D 260 -34.83 1.95 -8.65
N ILE D 261 -34.98 2.05 -7.33
CA ILE D 261 -35.80 1.13 -6.55
C ILE D 261 -37.28 1.29 -6.91
N GLU D 262 -37.74 2.52 -7.09
CA GLU D 262 -39.14 2.78 -7.40
C GLU D 262 -39.54 2.34 -8.82
N LYS D 263 -38.56 2.06 -9.70
CA LYS D 263 -38.83 1.39 -10.98
C LYS D 263 -37.91 0.16 -11.08
N ALA D 264 -38.38 -0.93 -10.48
CA ALA D 264 -37.62 -2.17 -10.44
C ALA D 264 -38.57 -3.35 -10.51
N ASP D 265 -38.04 -4.49 -10.97
CA ASP D 265 -38.85 -5.68 -11.18
C ASP D 265 -38.36 -6.88 -10.38
N ASN D 266 -37.06 -7.09 -10.27
CA ASN D 266 -36.50 -8.22 -9.55
C ASN D 266 -35.52 -7.73 -8.49
N ALA D 267 -35.29 -8.57 -7.49
CA ALA D 267 -34.43 -8.23 -6.36
C ALA D 267 -32.95 -8.20 -6.71
N ALA D 268 -32.56 -8.66 -7.91
CA ALA D 268 -31.17 -8.59 -8.33
C ALA D 268 -30.73 -7.14 -8.56
N GLN D 269 -31.58 -6.33 -9.18
CA GLN D 269 -31.28 -4.93 -9.40
C GLN D 269 -31.67 -4.04 -8.23
N VAL D 270 -32.29 -4.61 -7.20
CA VAL D 270 -32.53 -3.89 -5.94
C VAL D 270 -31.36 -4.07 -4.98
N LYS D 271 -30.77 -5.28 -4.95
CA LYS D 271 -29.72 -5.60 -3.99
C LYS D 271 -28.46 -4.78 -4.20
N ASP D 272 -28.06 -4.57 -5.45
CA ASP D 272 -26.91 -3.71 -5.72
C ASP D 272 -27.24 -2.23 -5.60
N ALA D 273 -28.53 -1.88 -5.69
CA ALA D 273 -28.94 -0.48 -5.51
C ALA D 273 -28.74 -0.03 -4.07
N LEU D 274 -29.10 -0.89 -3.11
CA LEU D 274 -28.84 -0.55 -1.71
C LEU D 274 -27.38 -0.71 -1.35
N THR D 275 -26.63 -1.53 -2.08
CA THR D 275 -25.20 -1.64 -1.86
C THR D 275 -24.48 -0.33 -2.21
N LYS D 276 -24.97 0.38 -3.22
CA LYS D 276 -24.43 1.70 -3.53
C LYS D 276 -24.86 2.74 -2.50
N MET D 277 -26.07 2.62 -1.95
CA MET D 277 -26.50 3.52 -0.88
C MET D 277 -25.71 3.30 0.40
N ARG D 278 -25.49 2.03 0.75
CA ARG D 278 -24.82 1.72 2.01
C ARG D 278 -23.37 2.13 2.00
N ALA D 279 -22.72 2.08 0.82
CA ALA D 279 -21.40 2.68 0.70
C ALA D 279 -21.48 4.19 0.76
N ALA D 280 -22.55 4.78 0.22
CA ALA D 280 -22.70 6.23 0.24
C ALA D 280 -23.02 6.75 1.63
N ALA D 281 -23.90 6.05 2.35
CA ALA D 281 -24.29 6.52 3.68
C ALA D 281 -23.18 6.30 4.70
N LEU D 282 -22.32 5.30 4.49
CA LEU D 282 -21.16 5.14 5.36
C LEU D 282 -20.10 6.19 5.05
N ASP D 283 -19.95 6.56 3.78
CA ASP D 283 -19.00 7.61 3.42
C ASP D 283 -19.49 8.98 3.89
N ALA D 284 -20.80 9.23 3.77
CA ALA D 284 -21.36 10.51 4.20
C ALA D 284 -21.46 10.62 5.71
N GLN D 285 -21.36 9.50 6.44
CA GLN D 285 -21.34 9.56 7.90
C GLN D 285 -20.02 10.13 8.41
N LYS D 286 -18.93 9.93 7.66
CA LYS D 286 -17.61 10.45 8.04
C LYS D 286 -17.39 11.87 7.51
N ALA D 287 -18.34 12.76 7.80
CA ALA D 287 -18.28 14.15 7.38
C ALA D 287 -18.73 15.07 8.51
N THR D 288 -18.25 14.80 9.72
CA THR D 288 -18.62 15.60 10.88
C THR D 288 -17.96 16.98 10.84
N MET D 302 -24.25 17.70 18.38
CA MET D 302 -23.03 17.14 17.78
C MET D 302 -23.24 15.67 17.40
N LYS D 303 -23.79 14.91 18.34
CA LYS D 303 -24.02 13.48 18.11
C LYS D 303 -25.27 13.21 17.29
N ASP D 304 -26.11 14.22 17.04
CA ASP D 304 -27.33 14.02 16.27
C ASP D 304 -27.04 13.83 14.78
N PHE D 305 -25.87 14.30 14.31
CA PHE D 305 -25.52 14.14 12.90
C PHE D 305 -25.26 12.68 12.55
N ARG D 306 -24.48 11.98 13.38
CA ARG D 306 -24.19 10.58 13.14
C ARG D 306 -25.30 9.65 13.60
N HIS D 307 -26.23 10.14 14.43
CA HIS D 307 -27.34 9.32 14.87
C HIS D 307 -28.35 9.10 13.75
N GLY D 308 -28.56 10.12 12.90
CA GLY D 308 -29.48 9.97 11.79
C GLY D 308 -28.97 9.05 10.71
N PHE D 309 -27.65 8.92 10.57
CA PHE D 309 -27.08 8.01 9.61
C PHE D 309 -27.15 6.56 10.09
N ASP D 310 -27.12 6.34 11.41
CA ASP D 310 -27.32 4.99 11.93
C ASP D 310 -28.73 4.49 11.68
N ILE D 311 -29.71 5.40 11.66
CA ILE D 311 -31.07 5.03 11.26
C ILE D 311 -31.12 4.73 9.76
N LEU D 312 -30.37 5.50 8.96
CA LEU D 312 -30.42 5.33 7.51
C LEU D 312 -29.73 4.05 7.07
N VAL D 313 -28.56 3.75 7.65
CA VAL D 313 -27.87 2.49 7.33
C VAL D 313 -28.65 1.30 7.88
N GLY D 314 -29.23 1.45 9.08
CA GLY D 314 -30.06 0.40 9.64
C GLY D 314 -31.33 0.14 8.86
N GLN D 315 -31.91 1.18 8.25
CA GLN D 315 -33.08 0.97 7.40
C GLN D 315 -32.69 0.35 6.06
N ILE D 316 -31.47 0.60 5.60
CA ILE D 316 -30.95 -0.11 4.43
C ILE D 316 -30.76 -1.59 4.76
N ASP D 317 -30.22 -1.87 5.96
CA ASP D 317 -30.08 -3.26 6.40
C ASP D 317 -31.42 -3.92 6.66
N ASP D 318 -32.46 -3.14 6.98
CA ASP D 318 -33.80 -3.70 7.09
C ASP D 318 -34.37 -4.09 5.73
N ALA D 319 -33.94 -3.43 4.67
CA ALA D 319 -34.43 -3.75 3.33
C ALA D 319 -33.47 -4.64 2.53
N LEU D 320 -32.21 -4.73 2.95
CA LEU D 320 -31.34 -5.79 2.43
C LEU D 320 -31.78 -7.16 2.90
N LYS D 321 -32.32 -7.26 4.12
CA LYS D 321 -32.84 -8.53 4.63
C LYS D 321 -34.06 -8.97 3.84
N LEU D 322 -34.91 -8.03 3.43
CA LEU D 322 -36.07 -8.36 2.63
C LEU D 322 -35.70 -8.66 1.18
N ALA D 323 -34.66 -8.01 0.66
CA ALA D 323 -34.22 -8.28 -0.70
C ALA D 323 -33.46 -9.60 -0.81
N ASN D 324 -32.83 -10.05 0.27
CA ASN D 324 -32.16 -11.35 0.27
C ASN D 324 -33.16 -12.50 0.32
N GLU D 325 -34.37 -12.28 0.80
CA GLU D 325 -35.40 -13.30 0.86
C GLU D 325 -36.25 -13.36 -0.40
N GLY D 326 -35.93 -12.54 -1.41
CA GLY D 326 -36.68 -12.51 -2.64
C GLY D 326 -37.91 -11.63 -2.63
N LYS D 327 -38.21 -10.97 -1.51
CA LYS D 327 -39.37 -10.09 -1.41
C LYS D 327 -39.03 -8.78 -2.09
N VAL D 328 -39.47 -8.63 -3.34
CA VAL D 328 -39.14 -7.44 -4.12
C VAL D 328 -40.03 -6.26 -3.75
N LYS D 329 -41.20 -6.50 -3.15
CA LYS D 329 -42.10 -5.42 -2.79
C LYS D 329 -41.96 -4.97 -1.34
N GLU D 330 -41.56 -5.85 -0.44
CA GLU D 330 -41.28 -5.44 0.93
C GLU D 330 -39.97 -4.66 1.01
N ALA D 331 -39.02 -4.95 0.12
CA ALA D 331 -37.77 -4.19 0.10
C ALA D 331 -37.99 -2.78 -0.45
N GLN D 332 -38.85 -2.64 -1.46
CA GLN D 332 -39.17 -1.32 -1.99
C GLN D 332 -39.97 -0.50 -0.99
N ALA D 333 -40.88 -1.15 -0.25
CA ALA D 333 -41.66 -0.45 0.77
C ALA D 333 -40.78 -0.02 1.93
N ALA D 334 -39.80 -0.85 2.31
CA ALA D 334 -38.86 -0.45 3.35
C ALA D 334 -37.88 0.61 2.85
N ALA D 335 -37.64 0.66 1.54
CA ALA D 335 -36.82 1.71 0.96
C ALA D 335 -37.56 3.05 0.89
N GLU D 336 -38.89 3.04 0.98
CA GLU D 336 -39.64 4.29 1.06
C GLU D 336 -39.57 4.92 2.45
N GLN D 337 -39.17 4.15 3.46
CA GLN D 337 -38.90 4.70 4.79
C GLN D 337 -37.53 5.37 4.87
N LEU D 338 -36.68 5.22 3.86
CA LEU D 338 -35.44 5.99 3.79
C LEU D 338 -35.72 7.47 3.55
N LYS D 339 -36.76 7.78 2.78
CA LYS D 339 -37.09 9.17 2.46
C LYS D 339 -37.57 9.94 3.69
N THR D 340 -38.19 9.25 4.66
CA THR D 340 -38.52 9.87 5.92
C THR D 340 -37.26 10.27 6.69
N THR D 341 -36.26 9.38 6.70
CA THR D 341 -34.97 9.71 7.31
C THR D 341 -34.20 10.72 6.47
N ARG D 342 -34.38 10.67 5.14
CA ARG D 342 -33.66 11.58 4.26
C ARG D 342 -34.12 13.02 4.41
N ASN D 343 -35.43 13.23 4.53
CA ASN D 343 -35.94 14.59 4.68
C ASN D 343 -35.77 15.13 6.09
N ALA D 344 -35.84 14.26 7.10
CA ALA D 344 -35.69 14.72 8.48
C ALA D 344 -34.25 15.03 8.84
N TYR D 345 -33.30 14.27 8.30
CA TYR D 345 -31.90 14.40 8.69
C TYR D 345 -31.01 14.83 7.55
N ILE D 346 -31.07 14.16 6.40
CA ILE D 346 -30.06 14.34 5.36
C ILE D 346 -30.25 15.64 4.59
N GLN D 347 -31.49 16.13 4.48
CA GLN D 347 -31.73 17.51 4.04
C GLN D 347 -31.06 18.52 4.97
N LYS D 348 -31.08 18.26 6.28
CA LYS D 348 -30.65 19.28 7.22
C LYS D 348 -29.13 19.29 7.39
N TYR D 349 -28.51 18.11 7.37
CA TYR D 349 -27.10 18.03 7.68
C TYR D 349 -26.22 18.25 6.47
N LEU D 350 -26.69 17.89 5.28
CA LEU D 350 -25.87 18.06 4.08
C LEU D 350 -25.89 19.53 3.64
N GLU D 351 -27.05 20.17 3.73
CA GLU D 351 -27.16 21.58 3.36
C GLU D 351 -26.43 22.48 4.35
N ARG D 352 -26.36 22.08 5.63
CA ARG D 352 -25.53 22.80 6.58
C ARG D 352 -24.06 22.58 6.27
N ALA D 353 -23.69 21.38 5.83
CA ALA D 353 -22.31 21.09 5.48
C ALA D 353 -21.93 21.70 4.14
N ARG D 354 -22.87 21.77 3.20
CA ARG D 354 -22.58 22.38 1.91
C ARG D 354 -22.43 23.89 2.04
N SER D 355 -23.24 24.52 2.89
CA SER D 355 -23.13 25.96 3.10
C SER D 355 -21.90 26.32 3.92
N THR D 356 -21.44 25.41 4.78
CA THR D 356 -20.23 25.67 5.56
C THR D 356 -18.98 25.62 4.68
N LEU D 357 -18.92 24.64 3.77
CA LEU D 357 -17.80 24.55 2.84
C LEU D 357 -17.84 25.66 1.79
N GLN D 358 -19.04 26.09 1.39
CA GLN D 358 -19.15 27.20 0.44
C GLN D 358 -18.75 28.52 1.10
N ARG D 359 -19.08 28.68 2.38
CA ARG D 359 -18.60 29.83 3.13
C ARG D 359 -17.09 29.75 3.33
N GLU D 360 -16.56 28.54 3.53
CA GLU D 360 -15.12 28.36 3.68
C GLU D 360 -14.39 28.59 2.36
N PHE D 361 -15.02 28.23 1.24
CA PHE D 361 -14.41 28.47 -0.06
C PHE D 361 -14.42 29.95 -0.42
N LYS D 362 -15.52 30.64 -0.11
CA LYS D 362 -15.62 32.07 -0.41
C LYS D 362 -14.73 32.90 0.51
N THR D 363 -14.52 32.45 1.75
CA THR D 363 -13.60 33.13 2.64
C THR D 363 -12.15 32.96 2.17
N ALA D 364 -11.82 31.75 1.69
CA ALA D 364 -10.48 31.49 1.19
C ALA D 364 -10.20 32.24 -0.10
N LYS D 365 -11.21 32.38 -0.97
CA LYS D 365 -11.04 33.13 -2.20
C LYS D 365 -10.92 34.63 -1.93
N SER D 366 -11.54 35.11 -0.85
CA SER D 366 -11.37 36.50 -0.45
C SER D 366 -9.97 36.75 0.09
N LEU D 367 -9.43 35.81 0.87
CA LEU D 367 -8.08 35.96 1.41
C LEU D 367 -7.03 35.72 0.34
N PHE D 368 -7.35 34.94 -0.69
CA PHE D 368 -6.42 34.75 -1.81
C PHE D 368 -6.24 36.03 -2.62
N LEU D 369 -7.27 36.87 -2.69
CA LEU D 369 -7.16 38.14 -3.40
C LEU D 369 -6.26 39.11 -2.65
N VAL D 370 -6.14 38.97 -1.33
CA VAL D 370 -5.15 39.72 -0.57
C VAL D 370 -3.74 39.29 -0.96
N LEU D 371 -3.53 37.98 -1.14
CA LEU D 371 -2.22 37.48 -1.55
C LEU D 371 -1.90 37.87 -2.99
N PHE D 372 -2.91 37.83 -3.88
CA PHE D 372 -2.68 38.18 -5.27
C PHE D 372 -2.35 39.66 -5.43
N LEU D 373 -3.04 40.52 -4.67
CA LEU D 373 -2.72 41.94 -4.70
C LEU D 373 -1.44 42.26 -3.94
N PHE D 374 -1.04 41.42 -2.99
CA PHE D 374 0.30 41.52 -2.44
C PHE D 374 1.35 41.12 -3.47
N ALA D 375 1.09 40.05 -4.22
CA ALA D 375 2.02 39.60 -5.25
C ALA D 375 1.99 40.51 -6.47
N LEU D 376 0.93 41.28 -6.67
CA LEU D 376 0.91 42.29 -7.73
C LEU D 376 1.62 43.56 -7.30
N SER D 377 1.89 43.73 -6.00
CA SER D 377 2.48 44.95 -5.48
C SER D 377 3.99 44.87 -5.26
N TRP D 378 4.51 43.76 -4.74
CA TRP D 378 5.93 43.70 -4.44
C TRP D 378 6.76 42.90 -5.44
N LEU D 379 6.15 42.01 -6.21
CA LEU D 379 6.89 41.39 -7.32
C LEU D 379 7.35 42.38 -8.38
N PRO D 380 6.54 43.36 -8.87
CA PRO D 380 7.10 44.41 -9.74
C PRO D 380 8.33 45.12 -9.20
N LEU D 381 8.27 45.60 -7.95
CA LEU D 381 9.41 46.26 -7.33
C LEU D 381 10.61 45.34 -7.21
N SER D 382 10.35 44.06 -6.89
CA SER D 382 11.42 43.05 -6.80
C SER D 382 12.15 42.88 -8.13
N ILE D 383 11.41 42.87 -9.25
CA ILE D 383 12.02 42.74 -10.56
C ILE D 383 12.86 43.98 -10.89
N ILE D 384 12.36 45.16 -10.49
CA ILE D 384 13.13 46.40 -10.60
C ILE D 384 14.41 46.32 -9.78
N ASN D 385 14.34 45.74 -8.57
CA ASN D 385 15.52 45.63 -7.73
C ASN D 385 16.49 44.58 -8.25
N CYS D 386 15.97 43.54 -8.90
CA CYS D 386 16.79 42.51 -9.51
C CYS D 386 17.78 43.07 -10.53
N ILE D 387 17.27 43.92 -11.43
CA ILE D 387 18.10 44.63 -12.41
C ILE D 387 19.21 45.44 -11.74
N ILE D 388 18.89 46.10 -10.62
CA ILE D 388 19.87 46.92 -9.88
C ILE D 388 21.07 46.09 -9.44
N TYR D 389 20.82 44.93 -8.80
CA TYR D 389 21.92 44.09 -8.33
C TYR D 389 22.69 43.47 -9.48
N PHE D 390 22.04 43.23 -10.61
CA PHE D 390 22.69 42.66 -11.79
C PHE D 390 23.33 43.72 -12.68
N ASN D 391 23.53 44.94 -12.16
CA ASN D 391 24.27 46.04 -12.80
C ASN D 391 23.57 46.56 -14.04
N GLY D 392 22.26 46.44 -14.12
CA GLY D 392 21.48 47.04 -15.19
C GLY D 392 20.92 48.41 -14.81
N GLU D 393 20.50 49.14 -15.83
CA GLU D 393 19.96 50.48 -15.66
C GLU D 393 18.43 50.43 -15.55
N VAL D 394 17.89 51.19 -14.61
CA VAL D 394 16.45 51.30 -14.41
C VAL D 394 16.07 52.77 -14.52
N PRO D 395 15.11 53.12 -15.40
CA PRO D 395 14.67 54.52 -15.52
C PRO D 395 14.03 55.05 -14.24
N GLN D 396 14.13 56.37 -14.07
CA GLN D 396 13.59 57.05 -12.90
C GLN D 396 12.07 56.92 -12.82
N LEU D 397 11.38 57.16 -13.94
CA LEU D 397 9.92 57.10 -13.98
C LEU D 397 9.41 55.69 -13.69
N VAL D 398 10.09 54.67 -14.25
CA VAL D 398 9.74 53.27 -14.02
C VAL D 398 9.88 52.94 -12.53
N LEU D 399 10.99 53.37 -11.92
CA LEU D 399 11.26 53.11 -10.52
C LEU D 399 10.23 53.76 -9.59
N TYR D 400 9.84 55.01 -9.88
CA TYR D 400 8.92 55.76 -9.02
C TYR D 400 7.55 55.09 -8.93
N MET D 401 7.02 54.62 -10.07
CA MET D 401 5.79 53.84 -10.06
C MET D 401 5.93 52.56 -9.23
N GLY D 402 7.09 51.90 -9.34
CA GLY D 402 7.35 50.69 -8.56
C GLY D 402 7.23 50.88 -7.05
N ILE D 403 7.76 51.98 -6.53
CA ILE D 403 7.68 52.22 -5.09
C ILE D 403 6.26 52.58 -4.67
N LEU D 404 5.57 53.36 -5.51
CA LEU D 404 4.17 53.70 -5.26
C LEU D 404 3.29 52.44 -5.23
N LEU D 405 3.49 51.55 -6.20
CA LEU D 405 2.74 50.29 -6.24
C LEU D 405 3.03 49.42 -5.03
N SER D 406 4.28 49.41 -4.55
CA SER D 406 4.62 48.68 -3.34
C SER D 406 3.88 49.24 -2.12
N HIS D 407 3.64 50.55 -2.09
CA HIS D 407 2.89 51.15 -1.01
C HIS D 407 1.39 51.19 -1.29
N ALA D 408 0.99 50.94 -2.55
CA ALA D 408 -0.42 50.87 -2.89
C ALA D 408 -1.11 49.69 -2.22
N ASN D 409 -0.35 48.63 -1.89
CA ASN D 409 -0.87 47.48 -1.17
C ASN D 409 -1.45 47.86 0.19
N SER D 410 -0.90 48.91 0.81
CA SER D 410 -1.43 49.40 2.08
C SER D 410 -2.87 49.87 1.93
N MET D 411 -3.17 50.52 0.80
CA MET D 411 -4.49 51.06 0.56
C MET D 411 -5.48 50.02 0.05
N MET D 412 -4.98 48.92 -0.54
CA MET D 412 -5.86 47.93 -1.15
C MET D 412 -6.56 47.03 -0.14
N ASN D 413 -5.95 46.81 1.04
CA ASN D 413 -6.50 45.86 2.02
C ASN D 413 -7.91 46.22 2.49
N PRO D 414 -8.19 47.40 3.12
CA PRO D 414 -9.57 47.68 3.61
C PRO D 414 -10.67 47.56 2.57
N ILE D 415 -10.43 48.01 1.34
CA ILE D 415 -11.43 47.98 0.27
C ILE D 415 -11.81 46.55 -0.07
N VAL D 416 -10.84 45.63 -0.07
CA VAL D 416 -11.09 44.22 -0.36
C VAL D 416 -12.01 43.61 0.70
N TYR D 417 -11.78 43.96 1.97
CA TYR D 417 -12.64 43.51 3.06
C TYR D 417 -14.08 44.00 2.88
N ALA D 418 -14.25 45.23 2.39
CA ALA D 418 -15.59 45.78 2.19
C ALA D 418 -16.33 45.08 1.05
N TYR D 419 -15.63 44.79 -0.05
CA TYR D 419 -16.29 44.19 -1.20
C TYR D 419 -16.54 42.69 -1.03
N LYS D 420 -15.69 42.00 -0.28
CA LYS D 420 -15.80 40.56 -0.12
C LYS D 420 -16.57 40.16 1.13
N ILE D 421 -16.12 40.61 2.29
CA ILE D 421 -16.82 40.31 3.54
C ILE D 421 -17.99 41.28 3.68
N LYS D 422 -19.17 40.73 3.96
CA LYS D 422 -20.38 41.54 4.06
C LYS D 422 -20.55 42.20 5.42
N LYS D 423 -19.71 41.87 6.40
CA LYS D 423 -19.81 42.44 7.73
C LYS D 423 -18.99 43.71 7.90
N PHE D 424 -18.22 44.12 6.88
CA PHE D 424 -17.36 45.28 6.97
C PHE D 424 -18.02 46.54 6.41
N LYS D 425 -18.78 46.42 5.32
CA LYS D 425 -19.43 47.58 4.74
C LYS D 425 -20.57 48.10 5.61
N GLU D 426 -21.21 47.21 6.37
CA GLU D 426 -22.29 47.62 7.25
C GLU D 426 -21.78 48.32 8.50
N THR D 427 -20.50 48.15 8.83
CA THR D 427 -19.93 48.83 9.98
C THR D 427 -18.81 49.79 9.54
N1 A1BII E . 11.79 50.51 -1.49
N3 A1BII E . 14.33 51.10 -4.20
C4 A1BII E . 12.68 50.08 -2.49
C5 A1BII E . 13.39 51.10 -3.17
C6 A1BII E . 13.18 52.45 -2.84
C7 A1BII E . 14.65 52.43 -4.43
C8 A1BII E . 14.92 50.08 -4.90
C10 A1BII E . 16.15 51.69 -6.12
C13 A1BII E . 11.59 51.84 -1.15
C15 A1BII E . 13.10 54.80 -0.57
C17 A1BII E . 12.04 57.71 -2.16
C20 A1BII E . 11.56 60.20 -4.96
C21 A1BII E . 12.85 60.35 -5.42
C22 A1BII E . 13.90 59.65 -4.84
C1 A1BII E . 10.92 47.92 1.18
C11 A1BII E . 15.58 52.73 -5.41
C12 A1BII E . 17.51 53.20 -7.42
C14 A1BII E . 12.06 54.22 -1.49
C16 A1BII E . 12.93 56.30 -0.38
C18 A1BII E . 12.33 58.62 -3.32
C19 A1BII E . 11.31 59.35 -3.90
C2 A1BII E . 11.76 48.96 0.46
C23 A1BII E . 13.63 58.79 -3.79
C3 A1BII E . 11.04 49.46 -0.77
C9 A1BII E . 15.82 50.37 -5.85
N2 A1BII E . 13.96 53.22 -3.62
N4 A1BII E . 12.30 52.80 -1.84
N5 A1BII E . 13.06 57.04 -1.62
O1 A1BII E . 12.79 48.87 -2.71
O2 A1BII E . 17.09 51.87 -7.12
O3 A1BII E . 10.79 52.14 -0.28
O4 A1BII E . 10.91 57.64 -1.69
O5 A1BII E . 14.51 61.94 -6.65
O6 A1BII E . 12.09 62.34 -6.92
S1 A1BII E . 13.18 61.44 -6.75
#